data_6HB5
#
_entry.id   6HB5
#
_cell.length_a   81.611
_cell.length_b   65.049
_cell.length_c   90.686
_cell.angle_alpha   90.000
_cell.angle_beta   101.350
_cell.angle_gamma   90.000
#
_symmetry.space_group_name_H-M   'P 1 21 1'
#
loop_
_entity.id
_entity.type
_entity.pdbx_description
1 polymer 'Tyrosine--tRNA ligase'
2 non-polymer '[(2~{R},3~{S},4~{R},5~{R})-5-(4-azanyl-2-oxidanylidene-pyrimidin-1-yl)-3,4-bis(oxidanyl)oxolan-2-yl]methyl ~{N}-[(2~{S})-2-azanyl-3-(4-hydroxyphenyl)propanoyl]sulfamate'
3 non-polymer 1,2-ETHANEDIOL
4 non-polymer 'CHLORIDE ION'
5 water water
#
_entity_poly.entity_id   1
_entity_poly.type   'polypeptide(L)'
_entity_poly.pdbx_seq_one_letter_code
;MASSNLIKQLQERGLVAQVTDEEALAERLAQGPIALYCGFDPTADSLHLGHLVPLLCLKRFQQAGHKPVALVGGATGLIG
DPSFKAAERKLNTEETVQEWVDKIRKQVAPFLDFDCGENSAIAANNYDWFGNMNVLTFLRDIGKHFSVNQMINKEAVKQR
LNREDQGISFTEFSYNLLQGYDFACLNKQYGVVLQIGGSDQWGNITSGIDLTRRLHQNQVFGLTVPLITKADGTKFGKTE
GGAVWLDPKKTSPYKFYQFWINTADADVYRFLKFFTFMSIEEINALEEEDKNSGKAPRAQYVLAEQVTRLVHGEEGLQAA
KRITECLFSGSLSALSEADFEQLAQDGVPMVEMEKGADLMQALVDSELQPSRGQARKTIASNAITINGEKQSDPEYFFKE
EERLFGRFTLLRRGKKNYCLICWK
;
_entity_poly.pdbx_strand_id   A,B
#
loop_
_chem_comp.id
_chem_comp.type
_chem_comp.name
_chem_comp.formula
CL non-polymer 'CHLORIDE ION' 'Cl -1'
EDO non-polymer 1,2-ETHANEDIOL 'C2 H6 O2'
YSC non-polymer '[(2~{R},3~{S},4~{R},5~{R})-5-(4-azanyl-2-oxidanylidene-pyrimidin-1-yl)-3,4-bis(oxidanyl)oxolan-2-yl]methyl ~{N}-[(2~{S})-2-azanyl-3-(4-hydroxyphenyl)propanoyl]sulfamate' 'C18 H23 N5 O9 S'
#
# COMPACT_ATOMS: atom_id res chain seq x y z
N ASN A 5 -37.87 5.59 -16.56
CA ASN A 5 -36.68 5.32 -15.76
C ASN A 5 -35.43 5.81 -16.49
N LEU A 6 -34.66 6.68 -15.81
CA LEU A 6 -33.41 7.26 -16.34
C LEU A 6 -32.40 6.18 -16.74
N ILE A 7 -32.31 5.07 -15.99
CA ILE A 7 -31.38 3.98 -16.33
C ILE A 7 -31.77 3.36 -17.64
N LYS A 8 -33.08 3.11 -17.83
CA LYS A 8 -33.57 2.54 -19.09
C LYS A 8 -33.33 3.48 -20.28
N GLN A 9 -33.49 4.81 -20.07
CA GLN A 9 -33.25 5.82 -21.11
C GLN A 9 -31.75 5.83 -21.49
N LEU A 10 -30.84 5.65 -20.50
CA LEU A 10 -29.40 5.61 -20.79
C LEU A 10 -29.04 4.31 -21.51
N GLN A 11 -29.72 3.22 -21.17
CA GLN A 11 -29.53 1.90 -21.79
C GLN A 11 -29.89 1.90 -23.29
N GLU A 12 -30.96 2.63 -23.70
CA GLU A 12 -31.36 2.67 -25.11
C GLU A 12 -30.45 3.58 -25.98
N ARG A 13 -29.62 4.42 -25.33
CA ARG A 13 -28.60 5.25 -26.00
C ARG A 13 -27.28 4.45 -26.07
N GLY A 14 -27.27 3.24 -25.48
CA GLY A 14 -26.09 2.38 -25.34
C GLY A 14 -25.09 2.95 -24.34
N LEU A 15 -25.55 3.81 -23.41
CA LEU A 15 -24.66 4.44 -22.45
C LEU A 15 -24.41 3.66 -21.15
N VAL A 16 -24.94 2.44 -21.05
CA VAL A 16 -24.74 1.64 -19.83
C VAL A 16 -23.95 0.37 -20.14
N ALA A 17 -22.70 0.32 -19.64
CA ALA A 17 -21.82 -0.84 -19.80
C ALA A 17 -22.15 -1.83 -18.65
N GLN A 18 -22.13 -1.35 -17.39
CA GLN A 18 -22.42 -2.13 -16.20
C GLN A 18 -23.08 -1.21 -15.17
N VAL A 19 -23.90 -1.79 -14.30
CA VAL A 19 -24.59 -1.08 -13.24
C VAL A 19 -24.77 -2.06 -12.07
N THR A 20 -24.53 -1.60 -10.86
CA THR A 20 -24.66 -2.44 -9.67
C THR A 20 -26.11 -2.35 -9.15
N ASP A 21 -26.62 -3.46 -8.61
CA ASP A 21 -27.95 -3.52 -7.94
C ASP A 21 -28.99 -2.62 -8.69
N GLU A 22 -29.03 -2.74 -10.03
CA GLU A 22 -29.78 -1.98 -11.02
C GLU A 22 -31.26 -1.66 -10.67
N GLU A 23 -32.02 -2.67 -10.22
CA GLU A 23 -33.43 -2.54 -9.82
C GLU A 23 -33.53 -1.57 -8.63
N ALA A 24 -32.58 -1.65 -7.67
CA ALA A 24 -32.57 -0.77 -6.50
C ALA A 24 -32.17 0.66 -6.87
N LEU A 25 -31.17 0.81 -7.78
CA LEU A 25 -30.75 2.14 -8.25
C LEU A 25 -31.90 2.81 -9.00
N ALA A 26 -32.58 2.07 -9.88
CA ALA A 26 -33.73 2.59 -10.63
C ALA A 26 -34.82 3.08 -9.68
N GLU A 27 -35.09 2.32 -8.61
CA GLU A 27 -36.09 2.70 -7.61
C GLU A 27 -35.67 3.93 -6.82
N ARG A 28 -34.35 4.06 -6.52
CA ARG A 28 -33.86 5.23 -5.78
CA ARG A 28 -33.82 5.22 -5.79
C ARG A 28 -33.94 6.48 -6.65
N LEU A 29 -33.61 6.37 -7.96
CA LEU A 29 -33.68 7.50 -8.91
C LEU A 29 -35.11 7.98 -9.10
N ALA A 30 -36.07 7.03 -9.24
CA ALA A 30 -37.50 7.29 -9.42
C ALA A 30 -38.11 8.03 -8.21
N GLN A 31 -37.64 7.73 -6.98
CA GLN A 31 -38.13 8.35 -5.74
C GLN A 31 -37.87 9.85 -5.61
N GLY A 32 -36.70 10.31 -6.05
CA GLY A 32 -36.34 11.72 -5.97
C GLY A 32 -34.89 12.00 -6.31
N PRO A 33 -34.48 13.29 -6.25
CA PRO A 33 -33.09 13.65 -6.59
C PRO A 33 -32.06 12.92 -5.74
N ILE A 34 -30.97 12.48 -6.38
CA ILE A 34 -29.86 11.86 -5.68
C ILE A 34 -28.66 12.75 -5.95
N ALA A 35 -27.57 12.55 -5.22
CA ALA A 35 -26.31 13.19 -5.51
C ALA A 35 -25.42 12.09 -6.12
N LEU A 36 -24.73 12.41 -7.21
CA LEU A 36 -23.82 11.47 -7.86
C LEU A 36 -22.49 12.15 -8.17
N TYR A 37 -21.46 11.37 -8.60
CA TYR A 37 -20.18 11.99 -8.97
C TYR A 37 -19.45 11.25 -10.04
N CYS A 38 -18.51 11.96 -10.68
CA CYS A 38 -17.56 11.37 -11.60
C CYS A 38 -16.29 12.11 -11.34
N GLY A 39 -15.22 11.38 -11.40
CA GLY A 39 -13.90 11.97 -11.18
C GLY A 39 -13.10 12.02 -12.44
N PHE A 40 -12.25 13.04 -12.54
CA PHE A 40 -11.36 13.28 -13.67
C PHE A 40 -9.98 13.56 -13.13
N ASP A 41 -9.00 12.78 -13.54
CA ASP A 41 -7.60 13.00 -13.08
C ASP A 41 -6.83 13.97 -13.96
N PRO A 42 -6.01 14.87 -13.33
CA PRO A 42 -5.18 15.79 -14.11
C PRO A 42 -3.87 15.14 -14.62
N THR A 43 -3.91 14.57 -15.83
CA THR A 43 -2.73 13.99 -16.49
C THR A 43 -2.32 14.84 -17.70
N ALA A 44 -3.05 15.91 -17.98
CA ALA A 44 -2.74 16.91 -19.02
C ALA A 44 -3.40 18.22 -18.67
N ASP A 45 -3.07 19.29 -19.41
CA ASP A 45 -3.63 20.64 -19.21
C ASP A 45 -5.04 20.76 -19.78
N SER A 46 -5.59 19.68 -20.35
CA SER A 46 -6.94 19.70 -20.91
C SER A 46 -7.53 18.34 -20.87
N LEU A 47 -8.88 18.26 -20.86
CA LEU A 47 -9.57 17.00 -21.09
C LEU A 47 -9.59 16.78 -22.61
N HIS A 48 -9.95 15.57 -23.03
CA HIS A 48 -10.08 15.25 -24.44
C HIS A 48 -11.41 14.53 -24.67
N LEU A 49 -11.69 14.09 -25.91
CA LEU A 49 -12.96 13.44 -26.24
C LEU A 49 -13.29 12.20 -25.43
N GLY A 50 -12.30 11.51 -24.91
CA GLY A 50 -12.51 10.33 -24.06
C GLY A 50 -13.22 10.67 -22.76
N HIS A 51 -12.99 11.88 -22.25
CA HIS A 51 -13.56 12.34 -21.01
C HIS A 51 -14.94 12.94 -21.19
N LEU A 52 -15.33 13.28 -22.44
CA LEU A 52 -16.60 13.93 -22.71
C LEU A 52 -17.79 13.06 -22.42
N VAL A 53 -17.76 11.78 -22.77
CA VAL A 53 -18.95 10.94 -22.54
C VAL A 53 -19.37 10.92 -21.05
N PRO A 54 -18.49 10.59 -20.04
CA PRO A 54 -18.97 10.62 -18.65
C PRO A 54 -19.30 12.03 -18.17
N LEU A 55 -18.60 13.04 -18.70
CA LEU A 55 -18.91 14.43 -18.34
C LEU A 55 -20.35 14.79 -18.79
N LEU A 56 -20.71 14.45 -20.06
CA LEU A 56 -22.06 14.70 -20.53
C LEU A 56 -23.09 13.87 -19.77
N CYS A 57 -22.72 12.66 -19.29
CA CYS A 57 -23.60 11.85 -18.44
C CYS A 57 -23.92 12.55 -17.11
N LEU A 58 -22.94 13.25 -16.52
CA LEU A 58 -23.23 14.06 -15.31
C LEU A 58 -24.32 15.07 -15.64
N LYS A 59 -24.23 15.74 -16.82
CA LYS A 59 -25.24 16.67 -17.27
C LYS A 59 -26.59 15.99 -17.49
N ARG A 60 -26.59 14.77 -18.07
CA ARG A 60 -27.84 14.00 -18.30
C ARG A 60 -28.56 13.72 -16.98
N PHE A 61 -27.80 13.39 -15.93
CA PHE A 61 -28.38 13.16 -14.61
C PHE A 61 -28.92 14.47 -14.03
N GLN A 62 -28.18 15.59 -14.18
CA GLN A 62 -28.61 16.90 -13.67
C GLN A 62 -29.90 17.39 -14.33
N GLN A 63 -30.07 17.12 -15.65
CA GLN A 63 -31.30 17.46 -16.39
C GLN A 63 -32.52 16.71 -15.82
N ALA A 64 -32.28 15.49 -15.23
CA ALA A 64 -33.31 14.69 -14.61
C ALA A 64 -33.56 15.08 -13.15
N GLY A 65 -32.86 16.12 -12.68
CA GLY A 65 -33.02 16.68 -11.35
C GLY A 65 -32.01 16.25 -10.31
N HIS A 66 -31.06 15.39 -10.69
CA HIS A 66 -30.04 14.92 -9.74
C HIS A 66 -28.92 15.95 -9.60
N LYS A 67 -28.14 15.79 -8.53
CA LYS A 67 -27.11 16.75 -8.17
C LYS A 67 -25.72 16.20 -8.52
N PRO A 68 -25.05 16.76 -9.56
CA PRO A 68 -23.74 16.23 -9.96
C PRO A 68 -22.56 16.83 -9.20
N VAL A 69 -21.61 15.97 -8.83
CA VAL A 69 -20.36 16.38 -8.20
C VAL A 69 -19.28 16.04 -9.22
N ALA A 70 -18.56 17.06 -9.71
CA ALA A 70 -17.49 16.81 -10.66
C ALA A 70 -16.19 16.87 -9.89
N LEU A 71 -15.58 15.71 -9.68
CA LEU A 71 -14.35 15.68 -8.90
C LEU A 71 -13.14 15.79 -9.78
N VAL A 72 -12.17 16.63 -9.38
CA VAL A 72 -10.90 16.71 -10.10
C VAL A 72 -9.85 16.13 -9.13
N GLY A 73 -9.07 15.14 -9.59
CA GLY A 73 -8.14 14.41 -8.74
C GLY A 73 -6.84 15.07 -8.40
N GLY A 74 -6.89 16.13 -7.58
CA GLY A 74 -5.65 16.76 -7.17
C GLY A 74 -4.72 15.83 -6.41
N ALA A 75 -5.28 14.85 -5.65
CA ALA A 75 -4.45 13.87 -4.92
C ALA A 75 -4.15 12.65 -5.79
N THR A 76 -5.17 12.14 -6.49
CA THR A 76 -5.00 10.92 -7.33
C THR A 76 -4.09 11.19 -8.53
N GLY A 77 -4.08 12.43 -9.04
CA GLY A 77 -3.20 12.88 -10.13
C GLY A 77 -1.74 12.90 -9.70
N LEU A 78 -1.49 12.83 -8.41
CA LEU A 78 -0.13 12.75 -7.89
C LEU A 78 0.27 11.28 -7.69
N ILE A 79 -0.65 10.34 -7.98
CA ILE A 79 -0.44 8.91 -7.74
C ILE A 79 -0.42 8.12 -9.03
N GLY A 80 -1.41 8.34 -9.88
CA GLY A 80 -1.45 7.72 -11.21
C GLY A 80 -2.29 6.48 -11.29
N ASP A 81 -3.42 6.57 -12.05
CA ASP A 81 -4.35 5.45 -12.22
C ASP A 81 -3.76 4.43 -13.18
N PRO A 82 -3.45 3.20 -12.70
CA PRO A 82 -2.86 2.19 -13.62
C PRO A 82 -3.89 1.42 -14.45
N SER A 83 -5.21 1.67 -14.21
CA SER A 83 -6.30 0.88 -14.77
C SER A 83 -6.19 0.68 -16.26
N PHE A 84 -5.96 -0.58 -16.70
CA PHE A 84 -5.83 -0.93 -18.12
C PHE A 84 -4.77 -0.13 -18.88
N LYS A 85 -3.69 0.23 -18.19
CA LYS A 85 -2.57 0.97 -18.76
C LYS A 85 -1.42 0.00 -18.81
N ALA A 86 -0.78 -0.11 -19.98
CA ALA A 86 0.29 -1.08 -20.21
C ALA A 86 1.56 -0.81 -19.40
N ALA A 87 1.83 0.45 -19.04
CA ALA A 87 3.10 0.75 -18.37
C ALA A 87 2.96 1.74 -17.26
N GLU A 88 3.91 1.68 -16.34
CA GLU A 88 4.06 2.59 -15.22
C GLU A 88 4.20 4.02 -15.75
N ARG A 89 3.57 4.99 -15.08
CA ARG A 89 3.66 6.38 -15.51
C ARG A 89 4.67 7.09 -14.62
N LYS A 90 5.42 8.05 -15.16
CA LYS A 90 6.37 8.82 -14.36
C LYS A 90 5.54 9.73 -13.42
N LEU A 91 6.00 10.00 -12.21
CA LEU A 91 5.26 10.93 -11.34
C LEU A 91 5.32 12.34 -11.89
N ASN A 92 4.22 13.11 -11.76
CA ASN A 92 4.24 14.51 -12.13
C ASN A 92 4.49 15.34 -10.87
N THR A 93 5.07 16.54 -11.00
CA THR A 93 5.36 17.37 -9.80
C THR A 93 4.09 17.94 -9.22
N GLU A 94 4.12 18.37 -7.95
CA GLU A 94 2.95 19.01 -7.33
C GLU A 94 2.55 20.30 -8.05
N GLU A 95 3.53 21.07 -8.52
CA GLU A 95 3.29 22.36 -9.20
C GLU A 95 2.61 22.13 -10.56
N THR A 96 3.08 21.14 -11.32
CA THR A 96 2.46 20.80 -12.59
C THR A 96 1.04 20.31 -12.40
N VAL A 97 0.82 19.36 -11.46
CA VAL A 97 -0.51 18.80 -11.19
C VAL A 97 -1.50 19.88 -10.77
N GLN A 98 -1.07 20.84 -9.92
CA GLN A 98 -1.94 21.93 -9.47
C GLN A 98 -2.40 22.82 -10.65
N GLU A 99 -1.46 23.15 -11.57
CA GLU A 99 -1.76 23.95 -12.78
C GLU A 99 -2.86 23.26 -13.58
N TRP A 100 -2.68 21.96 -13.84
CA TRP A 100 -3.62 21.13 -14.58
C TRP A 100 -4.97 21.02 -13.87
N VAL A 101 -4.99 20.87 -12.52
CA VAL A 101 -6.25 20.83 -11.75
C VAL A 101 -7.10 22.07 -12.07
N ASP A 102 -6.50 23.27 -11.95
CA ASP A 102 -7.22 24.52 -12.20
C ASP A 102 -7.71 24.61 -13.62
N LYS A 103 -6.90 24.18 -14.60
CA LYS A 103 -7.36 24.19 -16.02
C LYS A 103 -8.52 23.24 -16.26
N ILE A 104 -8.46 22.02 -15.71
CA ILE A 104 -9.52 21.02 -15.88
C ILE A 104 -10.80 21.46 -15.17
N ARG A 105 -10.68 21.98 -13.94
CA ARG A 105 -11.83 22.48 -13.19
C ARG A 105 -12.57 23.56 -14.01
N LYS A 106 -11.83 24.50 -14.59
CA LYS A 106 -12.37 25.57 -15.43
C LYS A 106 -12.98 25.04 -16.73
N GLN A 107 -12.41 23.99 -17.28
CA GLN A 107 -12.93 23.38 -18.50
C GLN A 107 -14.25 22.62 -18.24
N VAL A 108 -14.33 21.94 -17.08
CA VAL A 108 -15.52 21.17 -16.70
C VAL A 108 -16.70 22.07 -16.38
N ALA A 109 -16.47 23.14 -15.60
CA ALA A 109 -17.51 24.02 -15.07
C ALA A 109 -18.65 24.40 -16.07
N PRO A 110 -18.37 24.89 -17.32
CA PRO A 110 -19.45 25.27 -18.24
C PRO A 110 -20.42 24.14 -18.64
N PHE A 111 -20.00 22.88 -18.44
CA PHE A 111 -20.84 21.74 -18.81
C PHE A 111 -21.96 21.45 -17.82
N LEU A 112 -21.89 22.05 -16.59
CA LEU A 112 -22.86 21.77 -15.53
C LEU A 112 -23.39 23.05 -14.97
N ASP A 113 -24.56 22.97 -14.34
CA ASP A 113 -25.22 24.15 -13.76
C ASP A 113 -24.86 24.26 -12.30
N PHE A 114 -24.19 25.36 -11.93
CA PHE A 114 -23.76 25.64 -10.55
C PHE A 114 -24.73 26.58 -9.83
N ASP A 115 -25.87 26.89 -10.46
CA ASP A 115 -26.84 27.83 -9.91
C ASP A 115 -28.29 27.47 -10.29
N CYS A 116 -28.75 26.29 -9.84
CA CYS A 116 -30.11 25.82 -10.14
C CYS A 116 -30.81 25.19 -8.92
N GLY A 117 -30.61 25.83 -7.77
CA GLY A 117 -31.24 25.42 -6.53
C GLY A 117 -30.52 24.27 -5.85
N GLU A 118 -31.31 23.35 -5.25
CA GLU A 118 -30.84 22.18 -4.52
C GLU A 118 -29.91 21.25 -5.29
N ASN A 119 -30.12 21.09 -6.60
CA ASN A 119 -29.29 20.17 -7.41
C ASN A 119 -28.14 20.88 -8.13
N SER A 120 -27.72 22.08 -7.65
CA SER A 120 -26.59 22.80 -8.25
C SER A 120 -25.37 21.90 -8.19
N ALA A 121 -24.52 21.96 -9.23
CA ALA A 121 -23.31 21.16 -9.31
C ALA A 121 -22.33 21.55 -8.24
N ILE A 122 -21.42 20.62 -7.92
CA ILE A 122 -20.36 20.82 -6.95
C ILE A 122 -19.04 20.43 -7.57
N ALA A 123 -18.06 21.33 -7.44
CA ALA A 123 -16.69 21.03 -7.83
C ALA A 123 -16.03 20.49 -6.54
N ALA A 124 -15.38 19.32 -6.64
CA ALA A 124 -14.69 18.68 -5.52
C ALA A 124 -13.26 18.42 -5.94
N ASN A 125 -12.36 18.24 -4.95
CA ASN A 125 -10.93 17.95 -5.22
C ASN A 125 -10.51 17.04 -4.05
N ASN A 126 -10.10 15.79 -4.34
CA ASN A 126 -9.70 14.83 -3.30
C ASN A 126 -8.39 15.20 -2.60
N TYR A 127 -7.69 16.25 -3.06
CA TYR A 127 -6.53 16.76 -2.31
C TYR A 127 -7.00 17.36 -0.97
N ASP A 128 -8.27 17.81 -0.92
CA ASP A 128 -8.89 18.39 0.29
C ASP A 128 -8.94 17.39 1.47
N TRP A 129 -8.96 16.06 1.18
CA TRP A 129 -8.92 15.04 2.23
C TRP A 129 -7.62 14.22 2.25
N PHE A 130 -6.96 14.03 1.10
CA PHE A 130 -5.74 13.24 1.13
C PHE A 130 -4.48 14.05 1.36
N GLY A 131 -4.49 15.34 0.97
CA GLY A 131 -3.31 16.23 1.08
C GLY A 131 -2.73 16.37 2.47
N ASN A 132 -3.57 16.12 3.49
CA ASN A 132 -3.17 16.19 4.90
C ASN A 132 -3.43 14.92 5.71
N MET A 133 -3.84 13.83 5.06
CA MET A 133 -4.11 12.61 5.80
C MET A 133 -2.80 11.93 6.23
N ASN A 134 -2.69 11.56 7.51
CA ASN A 134 -1.54 10.82 8.05
C ASN A 134 -1.50 9.43 7.42
N VAL A 135 -0.28 8.92 7.15
CA VAL A 135 -0.14 7.59 6.54
C VAL A 135 -0.71 6.43 7.42
N LEU A 136 -0.52 6.49 8.76
CA LEU A 136 -0.99 5.42 9.67
C LEU A 136 -2.53 5.41 9.69
N THR A 137 -3.14 6.59 9.70
CA THR A 137 -4.62 6.74 9.62
C THR A 137 -5.14 6.10 8.33
N PHE A 138 -4.53 6.43 7.17
CA PHE A 138 -4.90 5.86 5.89
C PHE A 138 -4.73 4.33 5.95
N LEU A 139 -3.53 3.84 6.37
CA LEU A 139 -3.32 2.37 6.40
C LEU A 139 -4.26 1.63 7.34
N ARG A 140 -4.57 2.21 8.49
CA ARG A 140 -5.44 1.52 9.45
C ARG A 140 -6.92 1.67 9.08
N ASP A 141 -7.40 2.91 8.96
CA ASP A 141 -8.81 3.20 8.72
C ASP A 141 -9.32 2.80 7.35
N ILE A 142 -8.46 2.86 6.31
CA ILE A 142 -8.85 2.51 4.96
C ILE A 142 -8.25 1.20 4.52
N GLY A 143 -6.92 1.07 4.58
CA GLY A 143 -6.22 -0.13 4.08
C GLY A 143 -6.62 -1.46 4.69
N LYS A 144 -7.11 -1.44 5.94
CA LYS A 144 -7.51 -2.68 6.60
C LYS A 144 -8.70 -3.33 5.94
N HIS A 145 -9.51 -2.52 5.21
CA HIS A 145 -10.71 -3.04 4.52
C HIS A 145 -10.39 -3.56 3.14
N PHE A 146 -9.11 -3.54 2.74
CA PHE A 146 -8.73 -3.99 1.41
C PHE A 146 -7.95 -5.24 1.46
N SER A 147 -8.37 -6.22 0.66
CA SER A 147 -7.69 -7.50 0.56
C SER A 147 -6.76 -7.44 -0.63
N VAL A 148 -5.46 -7.74 -0.41
CA VAL A 148 -4.48 -7.75 -1.50
C VAL A 148 -4.82 -8.90 -2.48
N ASN A 149 -5.36 -10.00 -1.97
CA ASN A 149 -5.79 -11.15 -2.79
C ASN A 149 -6.85 -10.68 -3.78
N GLN A 150 -7.82 -9.85 -3.31
CA GLN A 150 -8.86 -9.31 -4.20
C GLN A 150 -8.27 -8.28 -5.17
N MET A 151 -7.39 -7.38 -4.67
CA MET A 151 -6.77 -6.33 -5.46
C MET A 151 -6.01 -6.84 -6.70
N ILE A 152 -5.23 -7.92 -6.51
CA ILE A 152 -4.40 -8.55 -7.56
C ILE A 152 -5.27 -9.31 -8.58
N ASN A 153 -6.55 -9.53 -8.23
CA ASN A 153 -7.51 -10.17 -9.10
C ASN A 153 -8.39 -9.15 -9.84
N LYS A 154 -8.14 -7.84 -9.66
CA LYS A 154 -8.86 -6.81 -10.39
C LYS A 154 -8.38 -6.84 -11.85
N GLU A 155 -9.33 -6.89 -12.80
CA GLU A 155 -9.02 -6.95 -14.24
C GLU A 155 -8.12 -5.83 -14.70
N ALA A 156 -8.28 -4.64 -14.10
CA ALA A 156 -7.55 -3.43 -14.47
C ALA A 156 -6.03 -3.54 -14.30
N VAL A 157 -5.56 -4.45 -13.41
CA VAL A 157 -4.11 -4.57 -13.11
C VAL A 157 -3.51 -5.95 -13.45
N LYS A 158 -4.35 -6.91 -13.92
CA LYS A 158 -3.85 -8.26 -14.28
C LYS A 158 -2.69 -8.26 -15.29
N GLN A 159 -2.72 -7.36 -16.30
CA GLN A 159 -1.64 -7.31 -17.31
C GLN A 159 -0.34 -6.81 -16.69
N ARG A 160 -0.43 -6.07 -15.55
CA ARG A 160 0.74 -5.54 -14.83
C ARG A 160 1.30 -6.46 -13.73
N LEU A 161 0.65 -7.61 -13.47
CA LEU A 161 1.10 -8.50 -12.38
C LEU A 161 1.70 -9.81 -12.83
N ASN A 162 2.25 -9.83 -14.03
CA ASN A 162 2.88 -11.03 -14.54
C ASN A 162 4.41 -10.91 -14.65
N ARG A 163 4.93 -9.74 -15.08
CA ARG A 163 6.39 -9.54 -15.30
C ARG A 163 6.81 -8.24 -14.64
N GLU A 164 7.94 -8.23 -13.89
CA GLU A 164 8.48 -7.03 -13.22
C GLU A 164 8.76 -5.87 -14.20
N ASP A 165 9.33 -6.18 -15.40
CA ASP A 165 9.66 -5.21 -16.45
C ASP A 165 8.43 -4.52 -17.06
N GLN A 166 7.24 -5.11 -16.88
CA GLN A 166 5.98 -4.52 -17.29
C GLN A 166 5.10 -4.57 -16.04
N GLY A 167 5.73 -4.20 -14.92
CA GLY A 167 5.14 -4.28 -13.59
C GLY A 167 4.46 -3.05 -13.06
N ILE A 168 4.10 -3.12 -11.79
CA ILE A 168 3.38 -2.04 -11.14
C ILE A 168 4.00 -1.67 -9.81
N SER A 169 4.16 -0.37 -9.54
CA SER A 169 4.75 0.08 -8.28
C SER A 169 3.71 0.08 -7.18
N PHE A 170 4.18 0.10 -5.93
CA PHE A 170 3.27 0.19 -4.80
C PHE A 170 2.41 1.46 -4.92
N THR A 171 3.01 2.57 -5.43
CA THR A 171 2.31 3.84 -5.63
C THR A 171 1.06 3.63 -6.48
N GLU A 172 1.20 3.06 -7.70
CA GLU A 172 0.05 2.90 -8.59
C GLU A 172 -0.89 1.83 -8.08
N PHE A 173 -0.35 0.82 -7.37
CA PHE A 173 -1.19 -0.25 -6.80
C PHE A 173 -2.09 0.29 -5.69
N SER A 174 -1.66 1.37 -5.00
CA SER A 174 -2.48 1.94 -3.93
C SER A 174 -3.64 2.78 -4.44
N TYR A 175 -3.60 3.19 -5.74
CA TYR A 175 -4.60 4.10 -6.35
C TYR A 175 -6.04 3.70 -6.07
N ASN A 176 -6.32 2.42 -6.23
CA ASN A 176 -7.64 1.83 -6.02
C ASN A 176 -8.23 2.21 -4.63
N LEU A 177 -7.39 2.34 -3.58
CA LEU A 177 -7.86 2.71 -2.22
C LEU A 177 -8.22 4.18 -2.16
N LEU A 178 -7.49 5.03 -2.90
CA LEU A 178 -7.78 6.47 -2.87
C LEU A 178 -9.14 6.75 -3.52
N GLN A 179 -9.39 6.18 -4.70
CA GLN A 179 -10.66 6.33 -5.39
C GLN A 179 -11.77 5.69 -4.58
N GLY A 180 -11.48 4.54 -3.96
CA GLY A 180 -12.42 3.84 -3.09
C GLY A 180 -12.83 4.78 -1.96
N TYR A 181 -11.86 5.38 -1.30
CA TYR A 181 -12.20 6.30 -0.17
C TYR A 181 -12.91 7.58 -0.63
N ASP A 182 -12.60 8.11 -1.83
CA ASP A 182 -13.29 9.30 -2.30
C ASP A 182 -14.79 9.05 -2.32
N PHE A 183 -15.20 7.85 -2.75
CA PHE A 183 -16.65 7.58 -2.84
C PHE A 183 -17.24 7.62 -1.40
N ALA A 184 -16.55 7.01 -0.43
CA ALA A 184 -16.99 6.99 0.95
C ALA A 184 -17.03 8.43 1.46
N CYS A 185 -15.99 9.20 1.15
CA CYS A 185 -15.89 10.60 1.60
C CYS A 185 -17.02 11.51 1.05
N LEU A 186 -17.33 11.39 -0.26
CA LEU A 186 -18.42 12.15 -0.88
C LEU A 186 -19.80 11.72 -0.41
N ASN A 187 -19.96 10.43 -0.13
CA ASN A 187 -21.20 9.90 0.45
C ASN A 187 -21.40 10.60 1.81
N LYS A 188 -20.36 10.66 2.65
CA LYS A 188 -20.47 11.34 3.93
C LYS A 188 -20.64 12.88 3.83
N GLN A 189 -19.85 13.56 2.95
CA GLN A 189 -19.94 15.00 2.84
C GLN A 189 -21.24 15.48 2.20
N TYR A 190 -21.64 14.82 1.10
CA TYR A 190 -22.78 15.27 0.28
C TYR A 190 -23.90 14.29 0.08
N GLY A 191 -23.84 13.13 0.67
CA GLY A 191 -24.89 12.14 0.44
C GLY A 191 -24.82 11.57 -0.96
N VAL A 192 -23.62 11.60 -1.59
CA VAL A 192 -23.39 11.03 -2.93
C VAL A 192 -23.68 9.53 -2.82
N VAL A 193 -24.57 9.00 -3.68
CA VAL A 193 -24.94 7.56 -3.62
C VAL A 193 -24.67 6.84 -4.94
N LEU A 194 -24.15 7.57 -5.93
CA LEU A 194 -23.80 6.98 -7.23
C LEU A 194 -22.48 7.52 -7.76
N GLN A 195 -21.68 6.64 -8.36
CA GLN A 195 -20.45 7.06 -9.05
C GLN A 195 -20.54 6.53 -10.44
N ILE A 196 -20.25 7.38 -11.42
CA ILE A 196 -20.24 6.96 -12.82
C ILE A 196 -18.82 7.12 -13.33
N GLY A 197 -18.51 6.45 -14.43
CA GLY A 197 -17.19 6.57 -15.03
C GLY A 197 -17.18 5.73 -16.27
N GLY A 198 -16.05 5.72 -16.99
CA GLY A 198 -15.91 4.86 -18.17
C GLY A 198 -15.80 3.41 -17.72
N SER A 199 -15.90 2.43 -18.65
CA SER A 199 -15.89 1.04 -18.18
C SER A 199 -14.55 0.60 -17.54
N ASP A 200 -13.42 1.28 -17.88
CA ASP A 200 -12.11 0.98 -17.26
C ASP A 200 -12.15 1.24 -15.74
N GLN A 201 -13.10 2.08 -15.27
CA GLN A 201 -13.20 2.47 -13.86
C GLN A 201 -14.00 1.50 -12.96
N TRP A 202 -14.56 0.40 -13.53
CA TRP A 202 -15.40 -0.52 -12.78
C TRP A 202 -14.79 -1.01 -11.45
N GLY A 203 -13.56 -1.51 -11.48
CA GLY A 203 -12.87 -2.01 -10.28
C GLY A 203 -12.67 -0.93 -9.21
N ASN A 204 -12.33 0.28 -9.65
CA ASN A 204 -12.13 1.43 -8.75
C ASN A 204 -13.51 1.86 -8.13
N ILE A 205 -14.60 1.77 -8.92
CA ILE A 205 -15.96 2.12 -8.45
C ILE A 205 -16.44 1.08 -7.41
N THR A 206 -16.34 -0.23 -7.76
CA THR A 206 -16.76 -1.28 -6.85
C THR A 206 -15.98 -1.31 -5.55
N SER A 207 -14.70 -0.90 -5.53
CA SER A 207 -13.95 -0.80 -4.27
C SER A 207 -14.56 0.31 -3.40
N GLY A 208 -15.02 1.40 -4.02
CA GLY A 208 -15.69 2.49 -3.30
C GLY A 208 -17.04 2.08 -2.72
N ILE A 209 -17.80 1.27 -3.46
CA ILE A 209 -19.09 0.76 -2.99
C ILE A 209 -18.85 -0.09 -1.72
N ASP A 210 -17.88 -1.02 -1.82
CA ASP A 210 -17.57 -1.91 -0.70
C ASP A 210 -17.08 -1.14 0.51
N LEU A 211 -16.15 -0.20 0.28
CA LEU A 211 -15.60 0.62 1.35
C LEU A 211 -16.66 1.46 2.04
N THR A 212 -17.61 2.03 1.30
CA THR A 212 -18.69 2.83 1.86
C THR A 212 -19.55 1.96 2.79
N ARG A 213 -19.77 0.67 2.42
CA ARG A 213 -20.51 -0.24 3.33
C ARG A 213 -19.75 -0.44 4.63
N ARG A 214 -18.43 -0.65 4.53
CA ARG A 214 -17.54 -0.95 5.65
C ARG A 214 -17.32 0.26 6.57
N LEU A 215 -17.24 1.45 5.99
CA LEU A 215 -17.01 2.69 6.76
C LEU A 215 -18.26 3.40 7.26
N HIS A 216 -19.23 3.54 6.39
CA HIS A 216 -20.40 4.35 6.72
C HIS A 216 -21.71 3.58 6.82
N GLN A 217 -21.69 2.27 6.52
CA GLN A 217 -22.88 1.40 6.61
C GLN A 217 -23.99 1.93 5.75
N ASN A 218 -23.58 2.37 4.54
CA ASN A 218 -24.46 2.98 3.56
C ASN A 218 -24.33 2.23 2.26
N GLN A 219 -25.45 2.07 1.61
CA GLN A 219 -25.55 1.40 0.33
C GLN A 219 -25.36 2.49 -0.77
N VAL A 220 -24.41 2.27 -1.68
CA VAL A 220 -24.13 3.19 -2.78
C VAL A 220 -24.03 2.38 -4.05
N PHE A 221 -24.10 3.03 -5.21
CA PHE A 221 -24.18 2.33 -6.47
C PHE A 221 -23.14 2.78 -7.47
N GLY A 222 -22.92 1.95 -8.47
CA GLY A 222 -22.01 2.31 -9.53
C GLY A 222 -22.55 2.05 -10.91
N LEU A 223 -22.18 2.92 -11.87
CA LEU A 223 -22.60 2.79 -13.26
C LEU A 223 -21.46 3.21 -14.15
N THR A 224 -21.14 2.34 -15.12
CA THR A 224 -20.11 2.67 -16.09
C THR A 224 -20.71 2.85 -17.46
N VAL A 225 -20.04 3.72 -18.24
CA VAL A 225 -20.38 4.02 -19.63
C VAL A 225 -19.39 3.21 -20.48
N PRO A 226 -19.76 2.72 -21.70
CA PRO A 226 -18.78 1.92 -22.46
C PRO A 226 -17.65 2.79 -22.98
N LEU A 227 -16.51 2.14 -23.24
CA LEU A 227 -15.39 2.87 -23.85
C LEU A 227 -15.79 2.96 -25.34
N ILE A 228 -15.81 4.18 -25.88
CA ILE A 228 -16.25 4.43 -27.25
C ILE A 228 -15.38 3.65 -28.24
N THR A 229 -16.05 2.85 -29.06
CA THR A 229 -15.40 1.96 -30.04
C THR A 229 -15.78 2.37 -31.46
N LYS A 230 -14.94 2.01 -32.42
CA LYS A 230 -15.23 2.27 -33.83
C LYS A 230 -15.49 0.92 -34.50
N ALA A 231 -16.54 0.84 -35.33
CA ALA A 231 -16.94 -0.37 -36.07
C ALA A 231 -15.80 -1.07 -36.82
N ASP A 232 -14.83 -0.30 -37.36
CA ASP A 232 -13.66 -0.82 -38.09
C ASP A 232 -12.55 -1.37 -37.17
N GLY A 233 -12.74 -1.25 -35.85
CA GLY A 233 -11.81 -1.75 -34.84
C GLY A 233 -10.69 -0.83 -34.40
N THR A 234 -10.52 0.30 -35.09
CA THR A 234 -9.45 1.27 -34.77
C THR A 234 -9.80 2.08 -33.53
N LYS A 235 -8.79 2.69 -32.89
CA LYS A 235 -8.98 3.52 -31.70
C LYS A 235 -9.76 4.78 -32.03
N PHE A 236 -10.78 5.07 -31.20
CA PHE A 236 -11.60 6.28 -31.34
C PHE A 236 -10.79 7.49 -30.87
N GLY A 237 -11.03 8.63 -31.50
CA GLY A 237 -10.40 9.91 -31.16
C GLY A 237 -8.91 10.03 -31.39
N LYS A 238 -8.32 9.01 -32.04
CA LYS A 238 -6.91 8.99 -32.39
C LYS A 238 -6.79 9.44 -33.84
N THR A 239 -6.34 10.68 -34.05
CA THR A 239 -6.14 11.29 -35.38
C THR A 239 -4.65 11.25 -35.74
N GLU A 240 -4.28 11.78 -36.92
CA GLU A 240 -2.88 11.85 -37.36
C GLU A 240 -2.09 12.76 -36.40
N GLY A 241 -2.75 13.81 -35.92
CA GLY A 241 -2.19 14.77 -34.96
C GLY A 241 -2.17 14.30 -33.52
N GLY A 242 -2.89 13.22 -33.22
CA GLY A 242 -2.99 12.64 -31.88
C GLY A 242 -4.39 12.68 -31.31
N ALA A 243 -4.53 13.10 -30.03
CA ALA A 243 -5.82 13.19 -29.34
C ALA A 243 -6.66 14.39 -29.84
N VAL A 244 -7.98 14.33 -29.60
CA VAL A 244 -8.92 15.38 -29.93
C VAL A 244 -9.22 16.07 -28.61
N TRP A 245 -8.55 17.18 -28.35
CA TRP A 245 -8.70 17.90 -27.08
C TRP A 245 -9.86 18.84 -27.05
N LEU A 246 -10.31 19.23 -25.84
CA LEU A 246 -11.41 20.17 -25.69
C LEU A 246 -10.90 21.62 -25.78
N ASP A 247 -9.63 21.83 -25.42
CA ASP A 247 -8.95 23.12 -25.41
C ASP A 247 -8.74 23.57 -26.89
N PRO A 248 -9.30 24.75 -27.30
CA PRO A 248 -9.16 25.18 -28.70
C PRO A 248 -7.72 25.52 -29.10
N LYS A 249 -6.81 25.68 -28.12
CA LYS A 249 -5.38 25.95 -28.41
C LYS A 249 -4.58 24.66 -28.66
N LYS A 250 -5.23 23.50 -28.45
CA LYS A 250 -4.63 22.17 -28.64
C LYS A 250 -5.28 21.55 -29.86
N THR A 251 -6.60 21.74 -30.02
CA THR A 251 -7.35 21.27 -31.18
C THR A 251 -8.30 22.40 -31.53
N SER A 252 -8.08 23.03 -32.68
CA SER A 252 -8.90 24.17 -33.07
C SER A 252 -10.35 23.76 -33.25
N PRO A 253 -11.31 24.70 -33.06
CA PRO A 253 -12.72 24.39 -33.36
C PRO A 253 -12.95 23.83 -34.78
N TYR A 254 -12.19 24.32 -35.78
CA TYR A 254 -12.28 23.82 -37.14
C TYR A 254 -11.86 22.33 -37.21
N LYS A 255 -10.72 22.00 -36.63
CA LYS A 255 -10.21 20.60 -36.64
C LYS A 255 -11.20 19.68 -35.90
N PHE A 256 -11.75 20.20 -34.79
CA PHE A 256 -12.75 19.52 -33.94
C PHE A 256 -13.98 19.19 -34.78
N TYR A 257 -14.52 20.22 -35.49
CA TYR A 257 -15.69 20.10 -36.32
C TYR A 257 -15.44 19.09 -37.46
N GLN A 258 -14.26 19.17 -38.12
CA GLN A 258 -13.89 18.25 -39.19
C GLN A 258 -13.79 16.80 -38.71
N PHE A 259 -13.29 16.58 -37.48
CA PHE A 259 -13.22 15.22 -36.90
C PHE A 259 -14.61 14.59 -36.91
N TRP A 260 -15.62 15.36 -36.46
CA TRP A 260 -17.01 14.86 -36.40
C TRP A 260 -17.64 14.68 -37.79
N ILE A 261 -17.36 15.59 -38.74
CA ILE A 261 -17.89 15.48 -40.11
C ILE A 261 -17.48 14.16 -40.76
N ASN A 262 -16.24 13.75 -40.53
CA ASN A 262 -15.63 12.56 -41.08
C ASN A 262 -15.90 11.27 -40.28
N THR A 263 -16.99 11.23 -39.46
CA THR A 263 -17.39 10.03 -38.71
C THR A 263 -17.96 9.03 -39.75
N ALA A 264 -17.60 7.75 -39.63
CA ALA A 264 -18.11 6.68 -40.50
C ALA A 264 -19.62 6.51 -40.27
N ASP A 265 -20.37 6.15 -41.34
CA ASP A 265 -21.83 5.95 -41.25
C ASP A 265 -22.19 4.92 -40.19
N ALA A 266 -21.33 3.90 -40.02
CA ALA A 266 -21.57 2.83 -39.05
C ALA A 266 -21.38 3.30 -37.58
N ASP A 267 -20.78 4.50 -37.40
CA ASP A 267 -20.53 5.05 -36.06
C ASP A 267 -21.41 6.25 -35.70
N VAL A 268 -21.84 7.02 -36.70
CA VAL A 268 -22.50 8.32 -36.56
C VAL A 268 -23.76 8.31 -35.67
N TYR A 269 -24.64 7.29 -35.79
CA TYR A 269 -25.89 7.20 -35.01
C TYR A 269 -25.60 6.86 -33.54
N ARG A 270 -24.63 5.96 -33.32
CA ARG A 270 -24.14 5.57 -32.00
C ARG A 270 -23.48 6.81 -31.33
N PHE A 271 -22.72 7.61 -32.11
CA PHE A 271 -22.05 8.82 -31.62
C PHE A 271 -23.02 9.95 -31.29
N LEU A 272 -24.12 10.09 -32.05
CA LEU A 272 -25.19 11.04 -31.77
C LEU A 272 -25.78 10.74 -30.36
N LYS A 273 -25.98 9.46 -30.04
CA LYS A 273 -26.48 9.00 -28.73
C LYS A 273 -25.54 9.31 -27.56
N PHE A 274 -24.24 9.11 -27.77
CA PHE A 274 -23.22 9.32 -26.73
C PHE A 274 -22.84 10.77 -26.51
N PHE A 275 -22.77 11.55 -27.60
CA PHE A 275 -22.19 12.87 -27.53
C PHE A 275 -23.13 14.04 -27.64
N THR A 276 -24.43 13.77 -27.86
CA THR A 276 -25.39 14.86 -27.98
C THR A 276 -26.56 14.69 -27.02
N PHE A 277 -27.39 15.73 -26.90
CA PHE A 277 -28.61 15.76 -26.10
C PHE A 277 -29.86 15.59 -26.96
N MET A 278 -29.66 15.16 -28.23
CA MET A 278 -30.78 14.86 -29.12
C MET A 278 -31.54 13.67 -28.56
N SER A 279 -32.88 13.66 -28.72
CA SER A 279 -33.71 12.58 -28.22
C SER A 279 -33.38 11.30 -28.98
N ILE A 280 -33.64 10.14 -28.35
CA ILE A 280 -33.42 8.85 -28.99
C ILE A 280 -34.35 8.67 -30.21
N GLU A 281 -35.59 9.18 -30.11
CA GLU A 281 -36.59 9.17 -31.20
C GLU A 281 -36.10 9.94 -32.43
N GLU A 282 -35.49 11.13 -32.23
CA GLU A 282 -34.96 11.89 -33.36
C GLU A 282 -33.77 11.21 -34.04
N ILE A 283 -32.85 10.63 -33.26
CA ILE A 283 -31.68 9.94 -33.81
C ILE A 283 -32.13 8.76 -34.67
N ASN A 284 -33.11 7.98 -34.15
CA ASN A 284 -33.70 6.85 -34.86
C ASN A 284 -34.39 7.32 -36.12
N ALA A 285 -35.11 8.47 -36.05
CA ALA A 285 -35.76 9.09 -37.22
C ALA A 285 -34.72 9.53 -38.23
N LEU A 286 -33.57 10.11 -37.78
CA LEU A 286 -32.47 10.54 -38.64
C LEU A 286 -31.87 9.33 -39.36
N GLU A 287 -31.74 8.19 -38.67
CA GLU A 287 -31.21 6.94 -39.22
C GLU A 287 -32.02 6.40 -40.42
N GLU A 288 -33.35 6.64 -40.40
CA GLU A 288 -34.26 6.22 -41.47
C GLU A 288 -33.83 6.73 -42.87
N GLU A 289 -32.95 7.76 -42.91
CA GLU A 289 -32.39 8.36 -44.12
C GLU A 289 -31.38 7.42 -44.78
N PRO A 297 -26.35 11.40 -46.15
CA PRO A 297 -26.89 11.53 -44.80
C PRO A 297 -26.57 12.87 -44.15
N ARG A 298 -27.54 13.42 -43.40
CA ARG A 298 -27.36 14.68 -42.68
C ARG A 298 -26.68 14.45 -41.31
N ALA A 299 -26.72 13.19 -40.78
CA ALA A 299 -26.22 12.80 -39.44
C ALA A 299 -24.84 13.35 -39.06
N GLN A 300 -23.84 13.21 -39.95
CA GLN A 300 -22.47 13.71 -39.70
C GLN A 300 -22.42 15.23 -39.51
N TYR A 301 -23.24 15.96 -40.26
CA TYR A 301 -23.36 17.43 -40.18
C TYR A 301 -24.07 17.78 -38.88
N VAL A 302 -25.11 17.00 -38.50
CA VAL A 302 -25.86 17.19 -37.26
C VAL A 302 -24.97 16.91 -36.05
N LEU A 303 -24.18 15.83 -36.10
CA LEU A 303 -23.25 15.44 -35.03
C LEU A 303 -22.17 16.53 -34.83
N ALA A 304 -21.53 16.98 -35.94
CA ALA A 304 -20.53 18.05 -35.94
C ALA A 304 -21.10 19.33 -35.38
N GLU A 305 -22.30 19.75 -35.84
CA GLU A 305 -22.95 20.97 -35.35
C GLU A 305 -23.19 20.90 -33.85
N GLN A 306 -23.81 19.79 -33.39
CA GLN A 306 -24.14 19.60 -31.97
C GLN A 306 -22.93 19.58 -31.06
N VAL A 307 -21.94 18.71 -31.34
CA VAL A 307 -20.77 18.57 -30.44
C VAL A 307 -19.90 19.83 -30.46
N THR A 308 -19.71 20.47 -31.65
CA THR A 308 -18.89 21.69 -31.75
C THR A 308 -19.55 22.82 -30.97
N ARG A 309 -20.89 22.96 -31.07
CA ARG A 309 -21.62 23.99 -30.34
C ARG A 309 -21.50 23.76 -28.84
N LEU A 310 -21.58 22.50 -28.41
CA LEU A 310 -21.48 22.10 -27.01
C LEU A 310 -20.09 22.39 -26.42
N VAL A 311 -19.04 22.13 -27.18
CA VAL A 311 -17.69 22.28 -26.67
C VAL A 311 -17.14 23.69 -26.87
N HIS A 312 -17.37 24.29 -28.05
CA HIS A 312 -16.80 25.58 -28.42
C HIS A 312 -17.80 26.74 -28.54
N GLY A 313 -19.08 26.48 -28.29
CA GLY A 313 -20.08 27.53 -28.35
C GLY A 313 -20.51 27.86 -29.77
N GLU A 314 -21.45 28.78 -29.91
CA GLU A 314 -21.95 29.22 -31.22
C GLU A 314 -20.84 29.87 -32.02
N GLU A 315 -19.98 30.68 -31.38
CA GLU A 315 -18.86 31.34 -32.05
C GLU A 315 -17.92 30.31 -32.66
N GLY A 316 -17.60 29.26 -31.88
CA GLY A 316 -16.74 28.15 -32.26
C GLY A 316 -17.29 27.41 -33.45
N LEU A 317 -18.58 27.08 -33.41
CA LEU A 317 -19.24 26.40 -34.51
C LEU A 317 -19.24 27.28 -35.79
N GLN A 318 -19.54 28.58 -35.63
CA GLN A 318 -19.56 29.46 -36.79
C GLN A 318 -18.19 29.60 -37.41
N ALA A 319 -17.14 29.71 -36.58
CA ALA A 319 -15.78 29.79 -37.10
C ALA A 319 -15.44 28.52 -37.92
N ALA A 320 -15.75 27.33 -37.36
CA ALA A 320 -15.50 26.03 -37.99
C ALA A 320 -16.21 25.91 -39.34
N LYS A 321 -17.47 26.35 -39.41
CA LYS A 321 -18.29 26.31 -40.63
C LYS A 321 -17.75 27.28 -41.67
N ARG A 322 -17.38 28.51 -41.23
CA ARG A 322 -16.84 29.57 -42.09
C ARG A 322 -15.49 29.12 -42.69
N ILE A 323 -14.65 28.44 -41.88
CA ILE A 323 -13.35 27.97 -42.38
C ILE A 323 -13.54 26.85 -43.40
N THR A 324 -14.43 25.88 -43.07
CA THR A 324 -14.75 24.73 -43.92
C THR A 324 -15.24 25.26 -45.28
N GLU A 325 -16.18 26.22 -45.28
CA GLU A 325 -16.74 26.81 -46.50
C GLU A 325 -15.70 27.55 -47.36
N CYS A 326 -14.86 28.39 -46.72
CA CYS A 326 -13.80 29.12 -47.41
C CYS A 326 -12.80 28.15 -48.03
N LEU A 327 -12.47 27.08 -47.33
CA LEU A 327 -11.54 26.09 -47.89
C LEU A 327 -12.17 25.28 -49.02
N PHE A 328 -13.48 25.04 -48.95
CA PHE A 328 -14.14 24.32 -50.04
C PHE A 328 -14.26 25.20 -51.30
N SER A 329 -14.59 26.49 -51.11
CA SER A 329 -14.85 27.41 -52.21
C SER A 329 -13.61 28.07 -52.79
N GLY A 330 -12.57 28.21 -51.97
CA GLY A 330 -11.35 28.92 -52.32
C GLY A 330 -11.47 30.41 -52.06
N SER A 331 -12.68 30.90 -51.70
CA SER A 331 -12.94 32.32 -51.45
C SER A 331 -12.70 32.64 -49.99
N LEU A 332 -11.67 33.46 -49.70
CA LEU A 332 -11.16 33.68 -48.33
C LEU A 332 -11.53 34.99 -47.66
N SER A 333 -12.25 35.89 -48.36
CA SER A 333 -12.61 37.20 -47.79
C SER A 333 -13.40 37.12 -46.47
N ALA A 334 -14.11 36.00 -46.22
CA ALA A 334 -14.88 35.82 -44.98
C ALA A 334 -13.98 35.47 -43.78
N LEU A 335 -12.73 35.07 -44.03
CA LEU A 335 -11.83 34.69 -42.92
C LEU A 335 -11.24 35.87 -42.19
N SER A 336 -11.29 35.80 -40.85
CA SER A 336 -10.72 36.80 -39.96
C SER A 336 -9.26 36.37 -39.71
N GLU A 337 -8.50 37.22 -39.04
CA GLU A 337 -7.13 36.86 -38.69
C GLU A 337 -7.16 35.66 -37.70
N ALA A 338 -8.16 35.61 -36.79
CA ALA A 338 -8.31 34.50 -35.82
C ALA A 338 -8.59 33.21 -36.61
N ASP A 339 -9.31 33.29 -37.76
CA ASP A 339 -9.56 32.07 -38.57
C ASP A 339 -8.29 31.55 -39.21
N PHE A 340 -7.42 32.46 -39.68
CA PHE A 340 -6.11 32.07 -40.24
C PHE A 340 -5.24 31.51 -39.11
N GLU A 341 -5.41 32.01 -37.87
CA GLU A 341 -4.67 31.41 -36.71
C GLU A 341 -5.05 29.95 -36.51
N GLN A 342 -6.34 29.60 -36.65
CA GLN A 342 -6.78 28.18 -36.58
C GLN A 342 -6.17 27.35 -37.70
N LEU A 343 -6.10 27.90 -38.92
CA LEU A 343 -5.49 27.19 -40.06
C LEU A 343 -4.02 26.92 -39.82
N ALA A 344 -3.29 27.93 -39.30
CA ALA A 344 -1.84 27.83 -38.99
C ALA A 344 -1.61 26.79 -37.87
N GLN A 345 -2.48 26.82 -36.84
CA GLN A 345 -2.38 25.88 -35.71
C GLN A 345 -2.44 24.42 -36.18
N ASP A 346 -3.51 24.03 -36.85
CA ASP A 346 -3.70 22.62 -37.23
C ASP A 346 -4.66 22.38 -38.37
N GLY A 347 -5.18 23.45 -38.98
CA GLY A 347 -6.19 23.35 -40.04
C GLY A 347 -5.69 22.81 -41.37
N VAL A 348 -4.55 23.34 -41.82
CA VAL A 348 -3.91 22.91 -43.07
C VAL A 348 -2.40 22.85 -42.82
N PRO A 349 -1.61 22.15 -43.67
CA PRO A 349 -0.14 22.24 -43.53
C PRO A 349 0.27 23.72 -43.67
N MET A 350 1.31 24.09 -42.94
CA MET A 350 1.80 25.46 -42.95
C MET A 350 3.31 25.52 -43.10
N VAL A 351 3.82 26.63 -43.65
CA VAL A 351 5.27 26.81 -43.77
C VAL A 351 5.59 28.27 -43.47
N GLU A 352 6.62 28.51 -42.69
CA GLU A 352 7.07 29.85 -42.36
C GLU A 352 8.07 30.27 -43.44
N MET A 353 7.94 31.47 -43.98
CA MET A 353 8.83 31.96 -45.05
C MET A 353 9.19 33.39 -44.91
N GLU A 354 10.39 33.75 -45.40
CA GLU A 354 10.83 35.13 -45.39
C GLU A 354 10.16 35.84 -46.55
N LYS A 355 9.68 37.07 -46.33
CA LYS A 355 9.07 37.90 -47.38
C LYS A 355 10.10 38.13 -48.50
N GLY A 356 9.64 38.13 -49.75
CA GLY A 356 10.49 38.28 -50.92
C GLY A 356 10.72 36.95 -51.62
N ALA A 357 10.33 35.83 -50.95
CA ALA A 357 10.43 34.51 -51.58
C ALA A 357 9.51 34.48 -52.82
N ASP A 358 9.95 33.85 -53.92
CA ASP A 358 9.09 33.80 -55.09
C ASP A 358 8.07 32.65 -55.00
N LEU A 359 7.09 32.61 -55.93
CA LEU A 359 6.07 31.55 -55.96
C LEU A 359 6.72 30.17 -56.13
N MET A 360 7.75 30.04 -57.01
CA MET A 360 8.47 28.77 -57.22
C MET A 360 9.07 28.25 -55.91
N GLN A 361 9.66 29.17 -55.12
CA GLN A 361 10.29 28.79 -53.85
C GLN A 361 9.29 28.42 -52.81
N ALA A 362 8.15 29.13 -52.75
CA ALA A 362 7.10 28.80 -51.78
C ALA A 362 6.59 27.40 -52.07
N LEU A 363 6.44 27.05 -53.35
CA LEU A 363 5.97 25.70 -53.69
C LEU A 363 6.93 24.62 -53.30
N VAL A 364 8.24 24.89 -53.44
CA VAL A 364 9.27 23.93 -53.07
C VAL A 364 9.30 23.81 -51.56
N ASP A 365 9.41 24.96 -50.84
CA ASP A 365 9.52 24.96 -49.37
C ASP A 365 8.33 24.36 -48.68
N SER A 366 7.14 24.55 -49.23
CA SER A 366 5.93 23.96 -48.66
C SER A 366 5.87 22.46 -49.00
N GLU A 367 6.78 21.97 -49.85
CA GLU A 367 6.77 20.56 -50.33
C GLU A 367 5.54 20.24 -51.22
N LEU A 368 4.87 21.32 -51.73
CA LEU A 368 3.81 21.10 -52.74
C LEU A 368 4.49 20.72 -54.07
N GLN A 369 5.79 21.08 -54.22
CA GLN A 369 6.59 20.75 -55.42
C GLN A 369 8.02 20.33 -55.05
N PRO A 370 8.63 19.39 -55.80
CA PRO A 370 9.94 18.87 -55.39
C PRO A 370 11.15 19.71 -55.82
N SER A 371 10.98 20.60 -56.82
CA SER A 371 12.08 21.42 -57.37
C SER A 371 11.54 22.63 -58.09
N ARG A 372 12.41 23.65 -58.27
CA ARG A 372 12.03 24.87 -58.96
C ARG A 372 11.63 24.61 -60.40
N GLY A 373 12.37 23.74 -61.08
CA GLY A 373 12.08 23.34 -62.46
C GLY A 373 10.70 22.73 -62.59
N GLN A 374 10.33 21.86 -61.65
CA GLN A 374 9.01 21.21 -61.65
C GLN A 374 7.95 22.23 -61.30
N ALA A 375 8.20 23.04 -60.27
CA ALA A 375 7.26 24.08 -59.86
C ALA A 375 6.89 24.99 -61.03
N ARG A 376 7.88 25.34 -61.88
CA ARG A 376 7.65 26.20 -63.04
C ARG A 376 6.59 25.60 -63.95
N LYS A 377 6.72 24.29 -64.27
CA LYS A 377 5.78 23.61 -65.13
C LYS A 377 4.38 23.56 -64.50
N THR A 378 4.30 23.27 -63.19
CA THR A 378 3.04 23.17 -62.45
C THR A 378 2.35 24.53 -62.42
N ILE A 379 3.14 25.60 -62.20
CA ILE A 379 2.56 26.95 -62.23
C ILE A 379 2.05 27.22 -63.64
N ALA A 380 2.86 26.91 -64.66
CA ALA A 380 2.50 27.15 -66.07
C ALA A 380 1.26 26.41 -66.47
N SER A 381 1.01 25.23 -65.84
CA SER A 381 -0.16 24.39 -66.12
C SER A 381 -1.46 24.92 -65.48
N ASN A 382 -1.40 26.06 -64.76
CA ASN A 382 -2.56 26.68 -64.10
C ASN A 382 -3.09 25.83 -62.92
N ALA A 383 -2.16 25.19 -62.20
CA ALA A 383 -2.53 24.33 -61.07
C ALA A 383 -2.54 25.05 -59.72
N ILE A 384 -2.03 26.28 -59.69
CA ILE A 384 -1.85 26.97 -58.43
C ILE A 384 -2.74 28.16 -58.24
N THR A 385 -3.30 28.29 -57.02
CA THR A 385 -4.09 29.45 -56.60
C THR A 385 -3.39 30.09 -55.43
N ILE A 386 -3.49 31.41 -55.34
CA ILE A 386 -2.92 32.18 -54.25
C ILE A 386 -4.12 32.92 -53.69
N ASN A 387 -4.46 32.63 -52.43
CA ASN A 387 -5.64 33.18 -51.76
C ASN A 387 -6.90 32.99 -52.61
N GLY A 388 -6.98 31.83 -53.29
CA GLY A 388 -8.08 31.41 -54.15
C GLY A 388 -8.07 31.89 -55.59
N GLU A 389 -7.05 32.67 -55.96
CA GLU A 389 -6.97 33.22 -57.30
C GLU A 389 -5.88 32.52 -58.07
N LYS A 390 -6.20 32.06 -59.28
CA LYS A 390 -5.24 31.38 -60.14
C LYS A 390 -4.03 32.27 -60.47
N GLN A 391 -2.83 31.67 -60.47
CA GLN A 391 -1.60 32.39 -60.84
C GLN A 391 -0.81 31.45 -61.70
N SER A 392 -0.67 31.78 -63.01
CA SER A 392 0.01 30.85 -63.90
C SER A 392 1.36 31.38 -64.43
N ASP A 393 1.86 32.52 -63.91
CA ASP A 393 3.16 33.06 -64.32
C ASP A 393 4.22 32.36 -63.43
N PRO A 394 5.06 31.46 -63.98
CA PRO A 394 6.05 30.77 -63.14
C PRO A 394 7.09 31.66 -62.45
N GLU A 395 7.33 32.87 -62.96
CA GLU A 395 8.35 33.81 -62.44
C GLU A 395 7.76 34.77 -61.43
N TYR A 396 6.48 34.59 -61.12
CA TYR A 396 5.77 35.43 -60.19
C TYR A 396 6.35 35.57 -58.79
N PHE A 397 6.33 36.82 -58.25
CA PHE A 397 6.63 37.17 -56.87
C PHE A 397 5.30 37.67 -56.27
N PHE A 398 5.00 37.28 -55.03
CA PHE A 398 3.80 37.69 -54.33
C PHE A 398 3.75 39.17 -54.17
N LYS A 399 2.54 39.74 -54.28
CA LYS A 399 2.31 41.17 -54.06
C LYS A 399 2.16 41.36 -52.57
N GLU A 400 2.49 42.55 -52.04
CA GLU A 400 2.33 42.77 -50.60
C GLU A 400 0.89 42.55 -50.15
N GLU A 401 -0.08 42.92 -51.00
CA GLU A 401 -1.51 42.81 -50.73
C GLU A 401 -1.97 41.34 -50.59
N GLU A 402 -1.16 40.39 -51.09
CA GLU A 402 -1.44 38.96 -50.99
C GLU A 402 -0.98 38.39 -49.66
N ARG A 403 -0.28 39.21 -48.82
CA ARG A 403 0.10 38.83 -47.46
C ARG A 403 -1.02 39.39 -46.60
N LEU A 404 -2.07 38.61 -46.43
CA LEU A 404 -3.27 39.00 -45.68
C LEU A 404 -2.93 39.29 -44.25
N PHE A 405 -3.32 40.48 -43.77
CA PHE A 405 -2.99 40.97 -42.42
C PHE A 405 -1.45 41.14 -42.28
N GLY A 406 -0.79 41.24 -43.43
CA GLY A 406 0.66 41.33 -43.55
C GLY A 406 1.33 40.02 -43.14
N ARG A 407 0.54 38.92 -42.99
CA ARG A 407 1.06 37.68 -42.41
C ARG A 407 0.79 36.39 -43.17
N PHE A 408 -0.35 36.29 -43.85
CA PHE A 408 -0.77 34.98 -44.37
C PHE A 408 -1.01 34.92 -45.86
N THR A 409 -0.62 33.80 -46.50
CA THR A 409 -0.95 33.63 -47.90
C THR A 409 -1.28 32.17 -48.01
N LEU A 410 -2.49 31.87 -48.48
CA LEU A 410 -2.88 30.48 -48.60
C LEU A 410 -2.65 30.02 -50.02
N LEU A 411 -1.85 28.95 -50.19
CA LEU A 411 -1.60 28.38 -51.52
C LEU A 411 -2.42 27.12 -51.70
N ARG A 412 -2.85 26.83 -52.93
CA ARG A 412 -3.46 25.54 -53.18
C ARG A 412 -2.87 24.98 -54.46
N ARG A 413 -2.58 23.68 -54.48
CA ARG A 413 -2.11 23.00 -55.67
C ARG A 413 -3.21 22.05 -56.08
N GLY A 414 -3.69 22.19 -57.31
CA GLY A 414 -4.80 21.40 -57.82
C GLY A 414 -6.07 21.77 -57.09
N LYS A 415 -7.01 20.85 -57.02
CA LYS A 415 -8.28 21.19 -56.40
C LYS A 415 -8.34 21.03 -54.87
N LYS A 416 -7.34 20.39 -54.21
CA LYS A 416 -7.43 20.10 -52.76
C LYS A 416 -6.18 20.30 -51.87
N ASN A 417 -4.96 20.33 -52.43
CA ASN A 417 -3.75 20.43 -51.63
C ASN A 417 -3.39 21.85 -51.18
N TYR A 418 -3.74 22.18 -49.95
CA TYR A 418 -3.45 23.51 -49.40
C TYR A 418 -2.13 23.57 -48.64
N CYS A 419 -1.48 24.76 -48.64
CA CYS A 419 -0.41 25.07 -47.71
C CYS A 419 -0.49 26.54 -47.33
N LEU A 420 -0.50 26.81 -46.03
CA LEU A 420 -0.56 28.20 -45.59
C LEU A 420 0.86 28.73 -45.37
N ILE A 421 1.22 29.83 -46.04
CA ILE A 421 2.50 30.47 -45.83
C ILE A 421 2.25 31.49 -44.70
N CYS A 422 3.09 31.42 -43.68
CA CYS A 422 3.09 32.35 -42.58
C CYS A 422 4.37 33.19 -42.78
N TRP A 423 4.21 34.44 -43.24
CA TRP A 423 5.34 35.32 -43.53
C TRP A 423 6.08 35.76 -42.26
N LYS A 424 7.46 35.71 -42.30
CA LYS A 424 8.28 36.08 -41.15
C LYS A 424 8.45 37.59 -41.08
N ASN B 5 37.73 -10.89 13.61
CA ASN B 5 36.65 -10.84 12.64
C ASN B 5 35.34 -11.22 13.34
N LEU B 6 34.55 -10.20 13.71
CA LEU B 6 33.27 -10.34 14.40
C LEU B 6 32.26 -11.23 13.66
N ILE B 7 32.09 -11.06 12.36
CA ILE B 7 31.17 -11.91 11.58
C ILE B 7 31.57 -13.38 11.71
N LYS B 8 32.90 -13.69 11.56
CA LYS B 8 33.45 -15.05 11.69
C LYS B 8 33.18 -15.61 13.09
N GLN B 9 33.33 -14.79 14.12
CA GLN B 9 33.05 -15.17 15.52
C GLN B 9 31.58 -15.49 15.68
N LEU B 10 30.68 -14.65 15.15
CA LEU B 10 29.25 -14.90 15.25
C LEU B 10 28.86 -16.17 14.44
N GLN B 11 29.49 -16.37 13.28
CA GLN B 11 29.29 -17.57 12.44
C GLN B 11 29.65 -18.85 13.22
N GLU B 12 30.78 -18.80 13.98
CA GLU B 12 31.26 -19.90 14.82
C GLU B 12 30.30 -20.23 15.99
N ARG B 13 29.51 -19.26 16.45
CA ARG B 13 28.51 -19.49 17.49
C ARG B 13 27.20 -20.02 16.83
N GLY B 14 27.15 -20.00 15.49
CA GLY B 14 25.99 -20.38 14.69
C GLY B 14 24.95 -19.28 14.67
N LEU B 15 25.39 -18.03 14.87
CA LEU B 15 24.47 -16.90 14.95
C LEU B 15 24.22 -16.14 13.65
N VAL B 16 24.73 -16.64 12.54
CA VAL B 16 24.53 -15.95 11.25
C VAL B 16 23.76 -16.89 10.33
N ALA B 17 22.54 -16.50 9.97
CA ALA B 17 21.69 -17.21 9.00
C ALA B 17 22.09 -16.71 7.61
N GLN B 18 21.99 -15.38 7.38
CA GLN B 18 22.32 -14.69 6.13
C GLN B 18 22.93 -13.33 6.43
N VAL B 19 23.79 -12.84 5.53
CA VAL B 19 24.49 -11.56 5.62
C VAL B 19 24.71 -11.00 4.21
N THR B 20 24.33 -9.72 3.97
CA THR B 20 24.54 -9.04 2.67
C THR B 20 25.99 -8.60 2.55
N ASP B 21 26.58 -8.78 1.36
CA ASP B 21 27.99 -8.44 1.03
C ASP B 21 28.90 -8.57 2.26
N GLU B 22 29.09 -9.82 2.70
CA GLU B 22 29.88 -10.21 3.85
C GLU B 22 31.28 -9.56 3.86
N GLU B 23 31.98 -9.48 2.71
CA GLU B 23 33.32 -8.89 2.62
C GLU B 23 33.32 -7.39 2.91
N ALA B 24 32.45 -6.62 2.24
CA ALA B 24 32.33 -5.16 2.47
C ALA B 24 31.96 -4.86 3.93
N LEU B 25 30.98 -5.60 4.50
CA LEU B 25 30.58 -5.43 5.89
C LEU B 25 31.72 -5.74 6.86
N ALA B 26 32.42 -6.89 6.69
CA ALA B 26 33.55 -7.26 7.56
C ALA B 26 34.66 -6.22 7.44
N GLU B 27 34.86 -5.64 6.23
CA GLU B 27 35.85 -4.59 6.02
C GLU B 27 35.43 -3.33 6.77
N ARG B 28 34.12 -3.02 6.77
CA ARG B 28 33.60 -1.84 7.46
C ARG B 28 33.71 -2.02 8.97
N LEU B 29 33.45 -3.26 9.48
CA LEU B 29 33.57 -3.60 10.90
C LEU B 29 35.02 -3.49 11.40
N ALA B 30 35.98 -3.99 10.59
CA ALA B 30 37.43 -3.96 10.89
C ALA B 30 38.00 -2.54 10.84
N GLN B 31 37.46 -1.67 9.96
CA GLN B 31 37.88 -0.27 9.80
C GLN B 31 37.70 0.53 11.10
N GLY B 32 36.57 0.32 11.77
CA GLY B 32 36.25 0.99 13.03
C GLY B 32 34.81 0.79 13.46
N PRO B 33 34.34 1.53 14.50
CA PRO B 33 32.97 1.32 14.99
C PRO B 33 31.88 1.72 14.01
N ILE B 34 30.83 0.90 13.92
CA ILE B 34 29.65 1.17 13.12
C ILE B 34 28.48 1.35 14.06
N ALA B 35 27.38 1.89 13.52
CA ALA B 35 26.12 1.99 14.23
C ALA B 35 25.23 0.92 13.59
N LEU B 36 24.48 0.18 14.41
CA LEU B 36 23.59 -0.88 13.94
C LEU B 36 22.24 -0.84 14.65
N TYR B 37 21.26 -1.57 14.14
CA TYR B 37 19.95 -1.57 14.81
C TYR B 37 19.21 -2.86 14.66
N CYS B 38 18.30 -3.05 15.62
CA CYS B 38 17.31 -4.11 15.61
C CYS B 38 16.02 -3.52 16.11
N GLY B 39 14.96 -3.94 15.47
CA GLY B 39 13.63 -3.47 15.84
C GLY B 39 12.82 -4.53 16.53
N PHE B 40 11.89 -4.07 17.37
CA PHE B 40 11.00 -4.94 18.12
C PHE B 40 9.64 -4.33 18.11
N ASP B 41 8.64 -5.05 17.62
CA ASP B 41 7.28 -4.50 17.62
C ASP B 41 6.53 -4.80 18.89
N PRO B 42 5.74 -3.81 19.38
CA PRO B 42 4.91 -4.06 20.56
C PRO B 42 3.61 -4.81 20.20
N THR B 43 3.65 -6.16 20.22
CA THR B 43 2.47 -6.99 19.98
C THR B 43 2.02 -7.64 21.31
N ALA B 44 2.73 -7.34 22.41
CA ALA B 44 2.40 -7.83 23.74
C ALA B 44 3.05 -6.92 24.79
N ASP B 45 2.77 -7.14 26.10
CA ASP B 45 3.36 -6.31 27.16
C ASP B 45 4.80 -6.77 27.55
N SER B 46 5.35 -7.77 26.82
CA SER B 46 6.69 -8.29 27.10
C SER B 46 7.30 -8.92 25.88
N LEU B 47 8.64 -9.00 25.85
CA LEU B 47 9.36 -9.78 24.87
C LEU B 47 9.38 -11.23 25.40
N HIS B 48 9.70 -12.19 24.54
CA HIS B 48 9.85 -13.58 24.91
C HIS B 48 11.22 -14.09 24.43
N LEU B 49 11.58 -15.39 24.64
CA LEU B 49 12.89 -15.91 24.25
C LEU B 49 13.24 -15.77 22.79
N GLY B 50 12.22 -15.81 21.93
CA GLY B 50 12.38 -15.63 20.49
C GLY B 50 13.04 -14.31 20.19
N HIS B 51 12.64 -13.25 20.93
CA HIS B 51 13.19 -11.91 20.75
C HIS B 51 14.58 -11.73 21.38
N LEU B 52 14.90 -12.53 22.40
CA LEU B 52 16.14 -12.43 23.11
C LEU B 52 17.38 -12.66 22.24
N VAL B 53 17.34 -13.61 21.30
CA VAL B 53 18.52 -13.92 20.45
C VAL B 53 19.03 -12.66 19.70
N PRO B 54 18.21 -11.95 18.88
CA PRO B 54 18.74 -10.73 18.23
C PRO B 54 19.04 -9.61 19.25
N LEU B 55 18.27 -9.53 20.33
CA LEU B 55 18.57 -8.53 21.38
C LEU B 55 19.98 -8.73 21.97
N LEU B 56 20.32 -9.99 22.29
CA LEU B 56 21.67 -10.29 22.80
C LEU B 56 22.72 -10.07 21.70
N CYS B 57 22.37 -10.28 20.42
CA CYS B 57 23.29 -10.00 19.32
C CYS B 57 23.67 -8.54 19.23
N LEU B 58 22.73 -7.64 19.56
CA LEU B 58 23.00 -6.19 19.66
C LEU B 58 24.07 -5.96 20.71
N LYS B 59 24.01 -6.68 21.85
CA LYS B 59 24.99 -6.60 22.94
C LYS B 59 26.35 -7.15 22.49
N ARG B 60 26.33 -8.26 21.70
CA ARG B 60 27.59 -8.84 21.19
C ARG B 60 28.29 -7.82 20.26
N PHE B 61 27.53 -7.12 19.39
CA PHE B 61 28.11 -6.07 18.53
C PHE B 61 28.67 -4.94 19.37
N GLN B 62 27.90 -4.50 20.39
CA GLN B 62 28.35 -3.45 21.31
C GLN B 62 29.66 -3.82 22.07
N GLN B 63 29.77 -5.08 22.54
CA GLN B 63 30.99 -5.56 23.22
C GLN B 63 32.23 -5.47 22.32
N ALA B 64 32.03 -5.56 21.00
CA ALA B 64 33.08 -5.41 19.99
C ALA B 64 33.34 -3.92 19.60
N GLY B 65 32.71 -2.97 20.30
CA GLY B 65 32.89 -1.54 20.06
C GLY B 65 31.86 -0.85 19.18
N HIS B 66 30.89 -1.60 18.64
CA HIS B 66 29.85 -1.01 17.77
C HIS B 66 28.71 -0.40 18.59
N LYS B 67 27.94 0.51 17.97
CA LYS B 67 26.88 1.27 18.63
C LYS B 67 25.45 0.73 18.33
N PRO B 68 24.75 0.12 19.31
CA PRO B 68 23.44 -0.47 19.01
C PRO B 68 22.27 0.47 19.20
N VAL B 69 21.34 0.39 18.26
CA VAL B 69 20.11 1.15 18.31
C VAL B 69 19.00 0.14 18.47
N ALA B 70 18.25 0.21 19.58
CA ALA B 70 17.15 -0.71 19.81
C ALA B 70 15.87 0.06 19.50
N LEU B 71 15.27 -0.28 18.37
CA LEU B 71 14.05 0.42 17.97
C LEU B 71 12.84 -0.34 18.47
N VAL B 72 11.86 0.42 18.98
CA VAL B 72 10.57 -0.14 19.40
C VAL B 72 9.55 0.41 18.39
N GLY B 73 8.75 -0.47 17.79
CA GLY B 73 7.83 -0.10 16.72
C GLY B 73 6.54 0.58 17.12
N GLY B 74 6.64 1.83 17.57
CA GLY B 74 5.47 2.63 17.92
C GLY B 74 4.50 2.79 16.77
N ALA B 75 5.04 2.87 15.53
CA ALA B 75 4.20 3.03 14.35
C ALA B 75 3.89 1.68 13.74
N THR B 76 4.92 0.82 13.60
CA THR B 76 4.77 -0.51 12.96
C THR B 76 3.87 -1.46 13.76
N GLY B 77 3.85 -1.31 15.08
CA GLY B 77 2.96 -2.07 15.97
C GLY B 77 1.51 -1.68 15.76
N LEU B 78 1.24 -0.56 15.06
CA LEU B 78 -0.12 -0.13 14.73
C LEU B 78 -0.55 -0.66 13.34
N ILE B 79 0.39 -1.36 12.67
CA ILE B 79 0.22 -1.88 11.31
C ILE B 79 0.20 -3.40 11.30
N GLY B 80 1.21 -4.04 11.91
CA GLY B 80 1.25 -5.49 12.01
C GLY B 80 2.13 -6.16 10.97
N ASP B 81 3.23 -6.81 11.44
CA ASP B 81 4.14 -7.51 10.56
C ASP B 81 3.53 -8.84 10.15
N PRO B 82 3.30 -9.08 8.84
CA PRO B 82 2.72 -10.40 8.44
C PRO B 82 3.77 -11.47 8.18
N SER B 83 5.07 -11.11 8.23
CA SER B 83 6.21 -11.96 7.88
C SER B 83 6.10 -13.38 8.43
N PHE B 84 5.87 -14.37 7.51
CA PHE B 84 5.71 -15.81 7.84
C PHE B 84 4.60 -16.09 8.86
N LYS B 85 3.54 -15.26 8.87
CA LYS B 85 2.40 -15.46 9.78
C LYS B 85 1.26 -15.95 8.94
N ALA B 86 0.66 -17.09 9.33
CA ALA B 86 -0.40 -17.70 8.55
C ALA B 86 -1.68 -16.88 8.48
N ALA B 87 -1.93 -16.00 9.48
CA ALA B 87 -3.18 -15.25 9.47
C ALA B 87 -3.05 -13.79 9.82
N GLU B 88 -3.99 -13.00 9.28
CA GLU B 88 -4.14 -11.56 9.51
C GLU B 88 -4.37 -11.36 11.01
N ARG B 89 -3.71 -10.36 11.61
CA ARG B 89 -3.89 -10.05 13.02
C ARG B 89 -4.86 -8.89 13.13
N LYS B 90 -5.68 -8.84 14.20
CA LYS B 90 -6.61 -7.71 14.40
C LYS B 90 -5.74 -6.50 14.74
N LEU B 91 -6.18 -5.28 14.40
CA LEU B 91 -5.41 -4.10 14.75
C LEU B 91 -5.51 -3.86 16.24
N ASN B 92 -4.42 -3.42 16.86
CA ASN B 92 -4.47 -3.03 18.27
C ASN B 92 -4.76 -1.53 18.38
N THR B 93 -5.24 -1.09 19.56
CA THR B 93 -5.55 0.33 19.77
C THR B 93 -4.28 1.16 19.95
N GLU B 94 -4.35 2.47 19.67
CA GLU B 94 -3.22 3.39 19.90
C GLU B 94 -2.82 3.38 21.40
N GLU B 95 -3.83 3.36 22.30
CA GLU B 95 -3.70 3.33 23.75
C GLU B 95 -2.94 2.09 24.24
N THR B 96 -3.36 0.89 23.77
CA THR B 96 -2.74 -0.40 24.10
C THR B 96 -1.30 -0.46 23.59
N VAL B 97 -1.07 -0.10 22.29
CA VAL B 97 0.27 -0.12 21.69
C VAL B 97 1.20 0.81 22.46
N GLN B 98 0.74 2.02 22.85
CA GLN B 98 1.59 2.94 23.63
C GLN B 98 2.02 2.32 24.97
N GLU B 99 1.07 1.69 25.69
CA GLU B 99 1.39 1.00 26.96
C GLU B 99 2.47 -0.05 26.74
N TRP B 100 2.30 -0.86 25.68
CA TRP B 100 3.24 -1.93 25.37
C TRP B 100 4.60 -1.37 24.97
N VAL B 101 4.61 -0.24 24.25
CA VAL B 101 5.84 0.42 23.81
C VAL B 101 6.71 0.74 25.02
N ASP B 102 6.12 1.38 26.04
CA ASP B 102 6.82 1.77 27.26
C ASP B 102 7.32 0.55 28.00
N LYS B 103 6.53 -0.54 28.02
CA LYS B 103 6.96 -1.77 28.70
C LYS B 103 8.14 -2.44 27.97
N ILE B 104 8.08 -2.52 26.63
CA ILE B 104 9.16 -3.16 25.87
C ILE B 104 10.44 -2.30 25.93
N ARG B 105 10.33 -0.97 25.80
CA ARG B 105 11.51 -0.10 25.88
C ARG B 105 12.24 -0.34 27.20
N LYS B 106 11.49 -0.33 28.31
CA LYS B 106 12.02 -0.57 29.67
C LYS B 106 12.58 -1.97 29.88
N GLN B 107 12.02 -2.99 29.19
CA GLN B 107 12.52 -4.35 29.32
C GLN B 107 13.81 -4.53 28.51
N VAL B 108 13.92 -3.84 27.36
CA VAL B 108 15.11 -3.93 26.51
C VAL B 108 16.30 -3.24 27.14
N ALA B 109 16.11 -2.02 27.68
CA ALA B 109 17.16 -1.15 28.20
C ALA B 109 18.25 -1.85 29.05
N PRO B 110 17.92 -2.72 30.05
CA PRO B 110 18.99 -3.36 30.85
C PRO B 110 19.94 -4.29 30.08
N PHE B 111 19.55 -4.74 28.87
CA PHE B 111 20.39 -5.66 28.10
C PHE B 111 21.50 -4.94 27.32
N LEU B 112 21.45 -3.60 27.24
CA LEU B 112 22.44 -2.82 26.50
C LEU B 112 23.03 -1.75 27.36
N ASP B 113 24.26 -1.36 27.02
CA ASP B 113 24.99 -0.35 27.78
C ASP B 113 24.65 1.02 27.20
N PHE B 114 23.99 1.86 28.00
CA PHE B 114 23.61 3.22 27.61
C PHE B 114 24.64 4.24 28.10
N ASP B 115 25.77 3.74 28.65
CA ASP B 115 26.83 4.58 29.21
C ASP B 115 28.25 3.96 29.05
N CYS B 116 28.74 3.86 27.80
CA CYS B 116 30.06 3.31 27.51
C CYS B 116 30.78 4.15 26.42
N GLY B 117 30.48 5.45 26.40
CA GLY B 117 31.10 6.40 25.47
C GLY B 117 30.40 6.54 24.14
N GLU B 118 31.20 6.72 23.06
CA GLU B 118 30.71 6.92 21.69
C GLU B 118 29.75 5.84 21.21
N ASN B 119 30.01 4.56 21.59
CA ASN B 119 29.19 3.42 21.17
C ASN B 119 28.03 3.09 22.16
N SER B 120 27.65 4.04 23.05
CA SER B 120 26.52 3.88 23.97
C SER B 120 25.25 3.60 23.18
N ALA B 121 24.40 2.71 23.71
CA ALA B 121 23.12 2.35 23.07
C ALA B 121 22.20 3.54 22.87
N ILE B 122 21.27 3.42 21.91
CA ILE B 122 20.24 4.43 21.63
C ILE B 122 18.88 3.72 21.59
N ALA B 123 17.87 4.33 22.23
CA ALA B 123 16.49 3.85 22.15
C ALA B 123 15.78 4.68 21.06
N ALA B 124 15.13 4.01 20.12
CA ALA B 124 14.45 4.72 19.02
C ALA B 124 13.00 4.26 18.93
N ASN B 125 12.16 5.05 18.26
CA ASN B 125 10.74 4.73 18.08
C ASN B 125 10.31 5.30 16.73
N ASN B 126 9.89 4.42 15.78
CA ASN B 126 9.49 4.83 14.42
C ASN B 126 8.19 5.66 14.34
N TYR B 127 7.50 5.89 15.46
CA TYR B 127 6.33 6.77 15.47
C TYR B 127 6.79 8.24 15.29
N ASP B 128 8.06 8.52 15.66
CA ASP B 128 8.66 9.85 15.55
C ASP B 128 8.62 10.38 14.11
N TRP B 129 8.76 9.49 13.13
CA TRP B 129 8.66 9.88 11.72
C TRP B 129 7.36 9.46 11.06
N PHE B 130 6.74 8.34 11.46
CA PHE B 130 5.47 7.98 10.80
C PHE B 130 4.24 8.76 11.35
N GLY B 131 4.29 9.17 12.62
CA GLY B 131 3.23 9.96 13.26
C GLY B 131 2.89 11.28 12.59
N ASN B 132 3.83 11.84 11.80
CA ASN B 132 3.60 13.09 11.08
C ASN B 132 3.89 12.98 9.56
N MET B 133 3.84 11.79 8.95
CA MET B 133 4.07 11.65 7.52
C MET B 133 2.70 11.58 6.84
N ASN B 134 2.52 12.37 5.77
CA ASN B 134 1.31 12.38 4.95
C ASN B 134 1.29 11.13 4.08
N VAL B 135 0.09 10.64 3.74
CA VAL B 135 -0.08 9.45 2.88
C VAL B 135 0.51 9.65 1.47
N LEU B 136 0.32 10.85 0.86
CA LEU B 136 0.81 11.07 -0.50
C LEU B 136 2.34 11.06 -0.51
N THR B 137 2.96 11.64 0.51
CA THR B 137 4.42 11.63 0.71
C THR B 137 4.91 10.18 0.78
N PHE B 138 4.25 9.32 1.58
CA PHE B 138 4.59 7.90 1.73
C PHE B 138 4.45 7.16 0.40
N LEU B 139 3.26 7.33 -0.27
CA LEU B 139 3.02 6.64 -1.54
C LEU B 139 3.96 7.07 -2.63
N ARG B 140 4.28 8.35 -2.70
CA ARG B 140 5.15 8.83 -3.77
C ARG B 140 6.60 8.59 -3.50
N ASP B 141 7.13 9.17 -2.41
CA ASP B 141 8.55 9.17 -2.08
C ASP B 141 9.08 7.81 -1.69
N ILE B 142 8.21 6.96 -1.12
CA ILE B 142 8.62 5.64 -0.69
C ILE B 142 8.08 4.57 -1.61
N GLY B 143 6.76 4.58 -1.85
CA GLY B 143 6.08 3.55 -2.62
C GLY B 143 6.54 3.38 -4.05
N LYS B 144 7.00 4.46 -4.69
CA LYS B 144 7.45 4.42 -6.09
C LYS B 144 8.66 3.50 -6.27
N HIS B 145 9.42 3.29 -5.19
CA HIS B 145 10.60 2.43 -5.24
C HIS B 145 10.28 0.95 -4.99
N PHE B 146 9.00 0.60 -4.74
CA PHE B 146 8.66 -0.81 -4.51
C PHE B 146 7.86 -1.40 -5.63
N SER B 147 8.29 -2.57 -6.14
CA SER B 147 7.57 -3.24 -7.22
C SER B 147 6.60 -4.25 -6.58
N VAL B 148 5.29 -4.14 -6.88
CA VAL B 148 4.32 -5.07 -6.31
C VAL B 148 4.61 -6.50 -6.79
N ASN B 149 5.13 -6.63 -8.01
CA ASN B 149 5.51 -7.91 -8.63
C ASN B 149 6.54 -8.64 -7.74
N GLN B 150 7.54 -7.90 -7.22
CA GLN B 150 8.56 -8.45 -6.33
C GLN B 150 7.95 -8.69 -4.94
N MET B 151 7.21 -7.71 -4.40
CA MET B 151 6.55 -7.77 -3.09
C MET B 151 5.67 -9.03 -2.90
N ILE B 152 4.79 -9.38 -3.90
CA ILE B 152 3.88 -10.53 -3.81
C ILE B 152 4.61 -11.88 -3.91
N ASN B 153 5.89 -11.88 -4.35
CA ASN B 153 6.66 -13.11 -4.47
C ASN B 153 7.62 -13.29 -3.31
N LYS B 154 7.61 -12.36 -2.35
CA LYS B 154 8.49 -12.50 -1.19
C LYS B 154 8.01 -13.69 -0.35
N GLU B 155 8.93 -14.58 0.03
CA GLU B 155 8.72 -15.78 0.87
C GLU B 155 7.85 -15.45 2.11
N ALA B 156 8.13 -14.32 2.77
CA ALA B 156 7.43 -13.88 3.98
C ALA B 156 5.91 -13.71 3.82
N VAL B 157 5.38 -13.40 2.61
CA VAL B 157 3.94 -13.16 2.38
C VAL B 157 3.30 -13.99 1.25
N LYS B 158 4.11 -14.64 0.41
CA LYS B 158 3.64 -15.44 -0.74
C LYS B 158 2.48 -16.39 -0.40
N GLN B 159 2.60 -17.14 0.72
CA GLN B 159 1.58 -18.11 1.15
C GLN B 159 0.23 -17.48 1.47
N ARG B 160 0.22 -16.21 1.94
CA ARG B 160 -1.01 -15.47 2.22
C ARG B 160 -1.80 -15.12 0.94
N LEU B 161 -1.18 -15.28 -0.22
CA LEU B 161 -1.81 -14.96 -1.49
C LEU B 161 -2.29 -16.21 -2.26
N ASN B 162 -2.39 -17.36 -1.56
CA ASN B 162 -2.90 -18.60 -2.15
C ASN B 162 -4.43 -18.65 -2.09
N ARG B 163 -5.02 -18.23 -0.95
CA ARG B 163 -6.46 -18.22 -0.73
C ARG B 163 -6.93 -16.89 -0.11
N GLU B 164 -7.98 -16.26 -0.70
CA GLU B 164 -8.55 -14.99 -0.21
C GLU B 164 -9.09 -15.11 1.23
N ASP B 165 -9.58 -16.31 1.61
CA ASP B 165 -10.12 -16.66 2.93
C ASP B 165 -9.02 -16.63 4.02
N GLN B 166 -7.76 -16.80 3.60
CA GLN B 166 -6.56 -16.79 4.45
C GLN B 166 -5.57 -15.76 3.84
N GLY B 167 -6.13 -14.60 3.46
CA GLY B 167 -5.43 -13.52 2.78
C GLY B 167 -4.65 -12.55 3.63
N ILE B 168 -4.30 -11.42 3.02
CA ILE B 168 -3.51 -10.35 3.63
C ILE B 168 -4.13 -9.01 3.26
N SER B 169 -4.33 -8.13 4.27
CA SER B 169 -4.87 -6.80 4.00
C SER B 169 -3.79 -5.93 3.39
N PHE B 170 -4.23 -4.80 2.80
CA PHE B 170 -3.32 -3.81 2.27
C PHE B 170 -2.48 -3.26 3.45
N THR B 171 -3.10 -3.15 4.65
CA THR B 171 -2.39 -2.66 5.86
C THR B 171 -1.14 -3.51 6.11
N GLU B 172 -1.29 -4.86 6.21
CA GLU B 172 -0.12 -5.70 6.51
C GLU B 172 0.85 -5.80 5.34
N PHE B 173 0.31 -5.74 4.12
CA PHE B 173 1.12 -5.72 2.89
C PHE B 173 2.02 -4.50 2.84
N SER B 174 1.58 -3.37 3.43
CA SER B 174 2.37 -2.14 3.41
C SER B 174 3.52 -2.15 4.41
N TYR B 175 3.45 -3.04 5.40
CA TYR B 175 4.42 -3.12 6.50
C TYR B 175 5.86 -3.10 6.04
N ASN B 176 6.17 -3.93 5.03
CA ASN B 176 7.51 -4.03 4.45
C ASN B 176 8.10 -2.66 4.08
N LEU B 177 7.24 -1.72 3.61
CA LEU B 177 7.72 -0.36 3.23
C LEU B 177 8.06 0.46 4.46
N LEU B 178 7.29 0.28 5.52
CA LEU B 178 7.50 1.02 6.78
C LEU B 178 8.84 0.66 7.41
N GLN B 179 9.14 -0.64 7.49
CA GLN B 179 10.41 -1.14 7.99
C GLN B 179 11.55 -0.74 7.09
N GLY B 180 11.30 -0.77 5.77
CA GLY B 180 12.27 -0.30 4.78
C GLY B 180 12.67 1.13 5.10
N TYR B 181 11.69 1.98 5.28
CA TYR B 181 11.93 3.41 5.53
C TYR B 181 12.64 3.68 6.85
N ASP B 182 12.34 2.89 7.89
CA ASP B 182 13.02 2.98 9.18
C ASP B 182 14.50 2.88 9.02
N PHE B 183 14.98 1.91 8.21
CA PHE B 183 16.43 1.73 7.99
C PHE B 183 17.01 3.00 7.36
N ALA B 184 16.29 3.61 6.38
CA ALA B 184 16.74 4.84 5.71
C ALA B 184 16.82 5.98 6.74
N CYS B 185 15.80 6.09 7.60
CA CYS B 185 15.73 7.10 8.66
C CYS B 185 16.87 7.01 9.65
N LEU B 186 17.17 5.78 10.12
CA LEU B 186 18.24 5.55 11.10
C LEU B 186 19.59 5.77 10.49
N ASN B 187 19.71 5.46 9.18
CA ASN B 187 20.94 5.74 8.44
C ASN B 187 21.14 7.25 8.44
N LYS B 188 20.11 8.02 8.09
CA LYS B 188 20.19 9.48 8.05
C LYS B 188 20.41 10.10 9.44
N GLN B 189 19.72 9.58 10.46
CA GLN B 189 19.81 10.11 11.83
C GLN B 189 21.10 9.77 12.58
N TYR B 190 21.49 8.48 12.56
CA TYR B 190 22.63 8.04 13.35
C TYR B 190 23.77 7.40 12.56
N GLY B 191 23.68 7.39 11.23
CA GLY B 191 24.67 6.75 10.39
C GLY B 191 24.63 5.24 10.54
N VAL B 192 23.44 4.68 10.88
CA VAL B 192 23.22 3.24 11.05
C VAL B 192 23.48 2.61 9.66
N VAL B 193 24.40 1.65 9.61
CA VAL B 193 24.77 0.99 8.35
C VAL B 193 24.45 -0.50 8.35
N LEU B 194 23.97 -1.01 9.48
CA LEU B 194 23.62 -2.41 9.63
C LEU B 194 22.32 -2.58 10.37
N GLN B 195 21.49 -3.49 9.88
CA GLN B 195 20.26 -3.89 10.55
C GLN B 195 20.36 -5.39 10.78
N ILE B 196 20.07 -5.81 12.00
CA ILE B 196 20.07 -7.24 12.34
C ILE B 196 18.67 -7.64 12.75
N GLY B 197 18.38 -8.93 12.68
CA GLY B 197 17.11 -9.49 13.14
C GLY B 197 17.09 -10.99 13.00
N GLY B 198 15.98 -11.61 13.36
CA GLY B 198 15.81 -13.05 13.15
C GLY B 198 15.65 -13.34 11.66
N SER B 199 15.76 -14.62 11.24
CA SER B 199 15.72 -14.93 9.79
C SER B 199 14.41 -14.55 9.08
N ASP B 200 13.28 -14.53 9.80
CA ASP B 200 11.98 -14.12 9.20
C ASP B 200 12.00 -12.66 8.71
N GLN B 201 12.96 -11.84 9.19
CA GLN B 201 13.04 -10.44 8.85
C GLN B 201 13.88 -10.10 7.60
N TRP B 202 14.46 -11.12 6.92
CA TRP B 202 15.32 -10.89 5.77
C TRP B 202 14.74 -9.91 4.72
N GLY B 203 13.52 -10.18 4.28
CA GLY B 203 12.84 -9.37 3.27
C GLY B 203 12.58 -7.96 3.73
N ASN B 204 12.20 -7.77 5.00
CA ASN B 204 11.97 -6.43 5.56
C ASN B 204 13.29 -5.66 5.61
N ILE B 205 14.39 -6.40 5.91
CA ILE B 205 15.74 -5.84 5.97
C ILE B 205 16.24 -5.44 4.59
N THR B 206 16.15 -6.35 3.60
CA THR B 206 16.61 -6.07 2.25
C THR B 206 15.85 -4.90 1.60
N SER B 207 14.56 -4.69 1.95
CA SER B 207 13.79 -3.56 1.44
C SER B 207 14.40 -2.25 1.98
N GLY B 208 14.84 -2.29 3.22
CA GLY B 208 15.51 -1.18 3.90
C GLY B 208 16.87 -0.87 3.31
N ILE B 209 17.63 -1.91 2.89
CA ILE B 209 18.95 -1.70 2.24
C ILE B 209 18.72 -0.97 0.89
N ASP B 210 17.80 -1.51 0.07
CA ASP B 210 17.47 -0.96 -1.24
C ASP B 210 16.92 0.48 -1.16
N LEU B 211 16.00 0.75 -0.22
CA LEU B 211 15.40 2.08 -0.03
C LEU B 211 16.43 3.13 0.41
N THR B 212 17.36 2.75 1.31
CA THR B 212 18.44 3.65 1.79
C THR B 212 19.30 4.06 0.60
N ARG B 213 19.57 3.11 -0.32
CA ARG B 213 20.30 3.33 -1.55
C ARG B 213 19.58 4.33 -2.46
N ARG B 214 18.26 4.19 -2.62
CA ARG B 214 17.45 5.09 -3.44
C ARG B 214 17.30 6.49 -2.81
N LEU B 215 17.11 6.57 -1.50
CA LEU B 215 16.84 7.84 -0.82
C LEU B 215 18.06 8.61 -0.37
N HIS B 216 19.00 7.92 0.26
CA HIS B 216 20.18 8.56 0.83
C HIS B 216 21.46 8.22 0.11
N GLN B 217 21.37 7.37 -0.93
CA GLN B 217 22.51 6.98 -1.79
C GLN B 217 23.65 6.35 -1.01
N ASN B 218 23.32 5.63 0.10
CA ASN B 218 24.31 5.00 0.96
C ASN B 218 24.21 3.50 0.92
N GLN B 219 25.34 2.85 1.08
CA GLN B 219 25.43 1.39 1.12
C GLN B 219 25.26 0.95 2.57
N VAL B 220 24.24 0.15 2.81
CA VAL B 220 23.97 -0.38 4.14
C VAL B 220 23.83 -1.89 4.06
N PHE B 221 23.92 -2.56 5.19
CA PHE B 221 23.98 -4.01 5.26
C PHE B 221 22.93 -4.62 6.17
N GLY B 222 22.73 -5.91 5.97
CA GLY B 222 21.79 -6.70 6.74
C GLY B 222 22.44 -8.00 7.18
N LEU B 223 22.05 -8.48 8.35
CA LEU B 223 22.53 -9.73 8.96
C LEU B 223 21.38 -10.33 9.76
N THR B 224 21.05 -11.58 9.48
CA THR B 224 20.00 -12.25 10.22
C THR B 224 20.58 -13.35 11.08
N VAL B 225 19.89 -13.57 12.20
CA VAL B 225 20.22 -14.61 13.18
C VAL B 225 19.24 -15.77 12.92
N PRO B 226 19.64 -17.06 13.09
CA PRO B 226 18.70 -18.15 12.80
C PRO B 226 17.53 -18.19 13.75
N LEU B 227 16.39 -18.75 13.30
CA LEU B 227 15.26 -18.92 14.20
C LEU B 227 15.61 -20.18 14.97
N ILE B 228 15.35 -20.21 16.28
CA ILE B 228 15.74 -21.35 17.09
C ILE B 228 14.89 -22.58 16.76
N THR B 229 15.59 -23.66 16.44
CA THR B 229 15.01 -24.97 16.16
C THR B 229 15.57 -25.96 17.17
N LYS B 230 14.78 -26.98 17.51
CA LYS B 230 15.17 -28.07 18.40
C LYS B 230 15.57 -29.21 17.48
N ALA B 231 16.56 -30.03 17.86
CA ALA B 231 16.99 -31.15 17.02
C ALA B 231 15.91 -32.25 16.82
N ASP B 232 14.93 -32.36 17.74
CA ASP B 232 13.85 -33.36 17.64
C ASP B 232 12.71 -32.92 16.69
N GLY B 233 12.72 -31.63 16.32
CA GLY B 233 11.74 -31.07 15.39
C GLY B 233 10.57 -30.33 16.03
N THR B 234 10.42 -30.42 17.37
CA THR B 234 9.33 -29.73 18.09
C THR B 234 9.58 -28.20 18.14
N LYS B 235 8.50 -27.42 18.39
CA LYS B 235 8.57 -25.96 18.44
C LYS B 235 9.21 -25.47 19.75
N PHE B 236 10.25 -24.62 19.63
CA PHE B 236 10.98 -24.04 20.77
C PHE B 236 10.11 -23.10 21.58
N GLY B 237 10.30 -23.10 22.89
CA GLY B 237 9.60 -22.23 23.83
C GLY B 237 8.11 -22.46 23.88
N LYS B 238 7.68 -23.74 23.71
CA LYS B 238 6.28 -24.16 23.74
C LYS B 238 6.02 -24.98 25.01
N THR B 239 5.60 -24.30 26.08
CA THR B 239 5.34 -24.91 27.39
C THR B 239 3.86 -24.89 27.74
N ALA B 243 4.66 -19.63 25.10
CA ALA B 243 5.83 -18.74 25.04
C ALA B 243 6.52 -18.63 26.39
N VAL B 244 7.85 -18.44 26.37
CA VAL B 244 8.66 -18.27 27.58
C VAL B 244 8.95 -16.76 27.63
N TRP B 245 8.15 -16.01 28.38
CA TRP B 245 8.26 -14.55 28.47
C TRP B 245 9.41 -14.13 29.32
N LEU B 246 9.89 -12.90 29.10
CA LEU B 246 10.98 -12.30 29.88
C LEU B 246 10.45 -11.66 31.17
N ASP B 247 9.17 -11.25 31.17
CA ASP B 247 8.48 -10.62 32.31
C ASP B 247 8.21 -11.68 33.38
N PRO B 248 8.71 -11.48 34.64
CA PRO B 248 8.49 -12.48 35.70
C PRO B 248 7.03 -12.68 36.08
N LYS B 249 6.15 -11.70 35.78
CA LYS B 249 4.73 -11.81 36.09
C LYS B 249 3.96 -12.55 34.98
N LYS B 250 4.68 -13.03 33.94
CA LYS B 250 4.14 -13.82 32.83
C LYS B 250 4.77 -15.21 32.86
N THR B 251 6.10 -15.28 33.10
CA THR B 251 6.83 -16.54 33.27
C THR B 251 7.70 -16.31 34.47
N SER B 252 7.44 -17.03 35.57
CA SER B 252 8.20 -16.85 36.80
C SER B 252 9.70 -17.20 36.63
N PRO B 253 10.61 -16.57 37.39
CA PRO B 253 12.04 -16.98 37.33
C PRO B 253 12.26 -18.49 37.51
N TYR B 254 11.42 -19.15 38.36
CA TYR B 254 11.45 -20.59 38.58
C TYR B 254 11.08 -21.37 37.30
N LYS B 255 9.93 -21.04 36.66
CA LYS B 255 9.54 -21.72 35.41
C LYS B 255 10.63 -21.50 34.33
N PHE B 256 11.17 -20.27 34.25
CA PHE B 256 12.23 -19.87 33.30
C PHE B 256 13.48 -20.75 33.51
N TYR B 257 13.91 -20.87 34.77
CA TYR B 257 15.09 -21.66 35.13
C TYR B 257 14.88 -23.14 34.76
N GLN B 258 13.69 -23.69 35.08
CA GLN B 258 13.34 -25.07 34.78
C GLN B 258 13.29 -25.36 33.30
N PHE B 259 12.86 -24.38 32.50
CA PHE B 259 12.82 -24.50 31.04
C PHE B 259 14.24 -24.80 30.51
N TRP B 260 15.24 -24.08 31.01
CA TRP B 260 16.63 -24.31 30.60
C TRP B 260 17.20 -25.63 31.12
N ILE B 261 16.82 -26.04 32.33
CA ILE B 261 17.28 -27.31 32.93
C ILE B 261 16.86 -28.47 32.04
N ASN B 262 15.64 -28.41 31.49
CA ASN B 262 15.08 -29.48 30.66
C ASN B 262 15.47 -29.42 29.18
N THR B 263 16.46 -28.59 28.82
CA THR B 263 16.95 -28.53 27.45
C THR B 263 17.46 -29.93 27.06
N ALA B 264 17.18 -30.40 25.81
CA ALA B 264 17.68 -31.71 25.37
C ALA B 264 19.20 -31.61 25.17
N ASP B 265 19.91 -32.77 25.27
CA ASP B 265 21.37 -32.85 25.05
C ASP B 265 21.81 -32.32 23.68
N ALA B 266 20.97 -32.55 22.63
CA ALA B 266 21.23 -32.10 21.26
C ALA B 266 21.12 -30.57 21.08
N ASP B 267 20.43 -29.86 21.99
CA ASP B 267 20.26 -28.41 21.89
C ASP B 267 21.11 -27.55 22.85
N VAL B 268 21.52 -28.11 24.00
CA VAL B 268 22.19 -27.38 25.09
C VAL B 268 23.45 -26.58 24.66
N TYR B 269 24.35 -27.13 23.81
CA TYR B 269 25.57 -26.40 23.40
C TYR B 269 25.25 -25.29 22.41
N ARG B 270 24.26 -25.52 21.53
CA ARG B 270 23.83 -24.48 20.58
C ARG B 270 23.19 -23.33 21.36
N PHE B 271 22.45 -23.67 22.42
CA PHE B 271 21.73 -22.72 23.25
C PHE B 271 22.65 -21.90 24.10
N LEU B 272 23.74 -22.50 24.56
CA LEU B 272 24.76 -21.75 25.28
C LEU B 272 25.32 -20.66 24.37
N LYS B 273 25.59 -21.02 23.11
CA LYS B 273 26.11 -20.07 22.11
C LYS B 273 25.14 -18.96 21.82
N PHE B 274 23.85 -19.32 21.70
CA PHE B 274 22.82 -18.37 21.34
C PHE B 274 22.42 -17.45 22.45
N PHE B 275 22.27 -17.99 23.67
CA PHE B 275 21.68 -17.29 24.81
C PHE B 275 22.61 -16.82 25.90
N THR B 276 23.91 -17.08 25.80
CA THR B 276 24.84 -16.66 26.87
C THR B 276 26.02 -15.87 26.28
N PHE B 277 26.81 -15.24 27.15
CA PHE B 277 28.02 -14.49 26.76
C PHE B 277 29.28 -15.28 27.10
N MET B 278 29.12 -16.59 27.35
CA MET B 278 30.25 -17.47 27.59
C MET B 278 31.07 -17.53 26.31
N SER B 279 32.41 -17.58 26.43
CA SER B 279 33.24 -17.61 25.26
C SER B 279 33.01 -18.93 24.54
N ILE B 280 33.29 -18.96 23.23
CA ILE B 280 33.20 -20.19 22.46
C ILE B 280 34.15 -21.28 23.02
N GLU B 281 35.34 -20.89 23.51
CA GLU B 281 36.32 -21.82 24.09
C GLU B 281 35.76 -22.46 25.36
N GLU B 282 35.13 -21.65 26.25
CA GLU B 282 34.51 -22.21 27.45
C GLU B 282 33.36 -23.16 27.09
N ILE B 283 32.53 -22.79 26.08
CA ILE B 283 31.41 -23.65 25.67
C ILE B 283 31.94 -24.98 25.10
N ASN B 284 33.00 -24.91 24.26
CA ASN B 284 33.65 -26.10 23.70
C ASN B 284 34.29 -26.96 24.79
N ALA B 285 34.91 -26.33 25.83
CA ALA B 285 35.51 -27.04 26.98
C ALA B 285 34.41 -27.79 27.74
N LEU B 286 33.24 -27.14 27.93
CA LEU B 286 32.09 -27.75 28.61
C LEU B 286 31.56 -28.94 27.78
N GLU B 287 31.41 -28.78 26.44
CA GLU B 287 30.98 -29.90 25.59
C GLU B 287 31.98 -31.08 25.64
N GLU B 288 33.29 -30.77 25.63
CA GLU B 288 34.35 -31.78 25.68
C GLU B 288 34.34 -32.51 27.02
N GLU B 289 34.09 -31.77 28.11
CA GLU B 289 34.01 -32.34 29.45
C GLU B 289 32.82 -33.31 29.54
N ASP B 290 31.66 -32.92 28.98
CA ASP B 290 30.45 -33.75 28.99
C ASP B 290 30.63 -35.00 28.13
N LYS B 291 31.38 -34.87 27.03
CA LYS B 291 31.67 -35.95 26.09
C LYS B 291 32.54 -37.01 26.76
N ASN B 292 33.61 -36.56 27.44
CA ASN B 292 34.63 -37.38 28.08
C ASN B 292 34.33 -37.81 29.52
N SER B 293 33.33 -37.19 30.19
CA SER B 293 32.97 -37.68 31.51
C SER B 293 32.09 -38.92 31.27
N GLY B 294 32.22 -39.93 32.11
CA GLY B 294 31.41 -41.13 31.98
C GLY B 294 30.04 -40.92 32.59
N LYS B 295 29.54 -39.68 32.52
CA LYS B 295 28.28 -39.29 33.14
C LYS B 295 27.36 -38.52 32.19
N ALA B 296 26.13 -38.23 32.64
CA ALA B 296 25.18 -37.43 31.89
C ALA B 296 25.73 -35.96 31.80
N PRO B 297 25.26 -35.12 30.84
CA PRO B 297 25.81 -33.75 30.74
C PRO B 297 25.49 -32.85 31.93
N ARG B 298 26.35 -31.85 32.18
CA ARG B 298 26.12 -30.86 33.23
C ARG B 298 25.81 -29.49 32.61
N ALA B 299 25.96 -29.39 31.28
CA ALA B 299 25.74 -28.18 30.52
C ALA B 299 24.36 -27.54 30.77
N GLN B 300 23.29 -28.35 31.00
CA GLN B 300 21.95 -27.77 31.23
C GLN B 300 21.93 -26.87 32.47
N TYR B 301 22.66 -27.26 33.52
CA TYR B 301 22.81 -26.47 34.74
C TYR B 301 23.53 -25.16 34.51
N VAL B 302 24.58 -25.16 33.69
CA VAL B 302 25.34 -23.95 33.33
C VAL B 302 24.44 -23.00 32.53
N LEU B 303 23.72 -23.52 31.52
CA LEU B 303 22.82 -22.74 30.70
C LEU B 303 21.71 -22.11 31.54
N ALA B 304 21.10 -22.89 32.44
CA ALA B 304 20.01 -22.42 33.32
C ALA B 304 20.51 -21.30 34.21
N GLU B 305 21.68 -21.45 34.83
CA GLU B 305 22.26 -20.41 35.69
C GLU B 305 22.53 -19.10 34.91
N GLN B 306 23.22 -19.22 33.78
CA GLN B 306 23.60 -18.12 32.90
C GLN B 306 22.43 -17.30 32.43
N VAL B 307 21.45 -17.94 31.80
CA VAL B 307 20.32 -17.19 31.20
C VAL B 307 19.37 -16.65 32.29
N THR B 308 19.14 -17.40 33.38
CA THR B 308 18.27 -16.93 34.46
C THR B 308 18.91 -15.72 35.15
N ARG B 309 20.23 -15.74 35.33
CA ARG B 309 20.90 -14.59 35.95
C ARG B 309 20.82 -13.39 35.02
N LEU B 310 21.04 -13.60 33.74
CA LEU B 310 21.00 -12.54 32.75
C LEU B 310 19.62 -11.85 32.71
N VAL B 311 18.55 -12.65 32.61
CA VAL B 311 17.19 -12.10 32.49
C VAL B 311 16.63 -11.60 33.84
N HIS B 312 16.76 -12.40 34.90
CA HIS B 312 16.16 -12.17 36.22
C HIS B 312 17.12 -11.77 37.36
N GLY B 313 18.40 -11.55 37.05
CA GLY B 313 19.40 -11.17 38.03
C GLY B 313 19.77 -12.27 39.01
N GLU B 314 20.67 -11.95 39.95
CA GLU B 314 21.11 -12.91 40.96
C GLU B 314 19.94 -13.26 41.89
N GLU B 315 19.08 -12.27 42.24
CA GLU B 315 17.92 -12.51 43.08
C GLU B 315 16.98 -13.54 42.45
N GLY B 316 16.73 -13.39 41.15
CA GLY B 316 15.86 -14.28 40.40
C GLY B 316 16.42 -15.67 40.28
N LEU B 317 17.74 -15.78 40.04
CA LEU B 317 18.41 -17.07 39.95
C LEU B 317 18.38 -17.76 41.31
N GLN B 318 18.63 -17.00 42.40
CA GLN B 318 18.62 -17.61 43.73
C GLN B 318 17.22 -18.10 44.11
N ALA B 319 16.15 -17.36 43.71
CA ALA B 319 14.77 -17.80 43.98
C ALA B 319 14.48 -19.07 43.17
N ALA B 320 14.85 -19.13 41.87
CA ALA B 320 14.64 -20.34 41.04
C ALA B 320 15.30 -21.59 41.65
N LYS B 321 16.55 -21.45 42.12
CA LYS B 321 17.28 -22.55 42.79
C LYS B 321 16.68 -22.93 44.14
N ARG B 322 16.25 -21.94 44.95
CA ARG B 322 15.64 -22.15 46.26
C ARG B 322 14.32 -22.93 46.09
N ILE B 323 13.53 -22.57 45.07
CA ILE B 323 12.26 -23.24 44.79
C ILE B 323 12.52 -24.67 44.32
N THR B 324 13.44 -24.85 43.34
CA THR B 324 13.85 -26.15 42.80
C THR B 324 14.26 -27.08 43.97
N GLU B 325 15.09 -26.56 44.91
CA GLU B 325 15.62 -27.28 46.08
C GLU B 325 14.51 -27.74 47.01
N CYS B 326 13.65 -26.81 47.44
CA CYS B 326 12.52 -27.11 48.34
C CYS B 326 11.55 -28.14 47.77
N LEU B 327 11.23 -28.05 46.45
CA LEU B 327 10.34 -29.03 45.80
C LEU B 327 11.02 -30.41 45.78
N PHE B 328 12.34 -30.43 45.44
CA PHE B 328 13.12 -31.65 45.39
C PHE B 328 13.27 -32.35 46.76
N SER B 329 13.72 -31.59 47.79
CA SER B 329 13.95 -32.04 49.16
C SER B 329 12.66 -32.40 49.90
N GLY B 330 11.61 -31.61 49.66
CA GLY B 330 10.33 -31.71 50.32
C GLY B 330 10.13 -30.63 51.36
N SER B 331 11.25 -30.11 51.94
CA SER B 331 11.21 -29.08 52.99
C SER B 331 10.88 -27.73 52.39
N LEU B 332 9.72 -27.17 52.74
CA LEU B 332 9.21 -25.90 52.24
C LEU B 332 9.40 -24.71 53.20
N SER B 333 10.05 -24.93 54.37
CA SER B 333 10.31 -23.86 55.36
C SER B 333 11.17 -22.71 54.81
N ALA B 334 12.09 -23.02 53.87
CA ALA B 334 12.94 -22.00 53.23
C ALA B 334 12.17 -21.12 52.25
N LEU B 335 11.04 -21.60 51.70
CA LEU B 335 10.23 -20.84 50.75
C LEU B 335 9.56 -19.64 51.40
N SER B 336 9.54 -18.50 50.68
CA SER B 336 8.86 -17.28 51.13
C SER B 336 7.46 -17.29 50.52
N GLU B 337 6.62 -16.29 50.86
CA GLU B 337 5.27 -16.13 50.29
C GLU B 337 5.42 -15.82 48.77
N ALA B 338 6.39 -14.96 48.40
CA ALA B 338 6.74 -14.61 47.01
C ALA B 338 7.12 -15.87 46.20
N ASP B 339 7.87 -16.81 46.80
CA ASP B 339 8.25 -18.08 46.18
C ASP B 339 7.01 -18.94 45.90
N PHE B 340 6.07 -18.98 46.87
CA PHE B 340 4.83 -19.72 46.72
C PHE B 340 3.98 -19.10 45.64
N GLU B 341 4.06 -17.76 45.48
CA GLU B 341 3.34 -17.02 44.43
C GLU B 341 3.83 -17.42 43.04
N GLN B 342 5.15 -17.69 42.88
CA GLN B 342 5.74 -18.18 41.62
C GLN B 342 5.15 -19.55 41.30
N LEU B 343 5.11 -20.45 42.29
CA LEU B 343 4.54 -21.79 42.16
C LEU B 343 3.08 -21.75 41.72
N ALA B 344 2.26 -20.88 42.35
CA ALA B 344 0.85 -20.71 42.02
C ALA B 344 0.68 -20.16 40.61
N GLN B 345 1.55 -19.18 40.23
CA GLN B 345 1.52 -18.58 38.91
C GLN B 345 1.69 -19.63 37.79
N ASP B 346 2.79 -20.43 37.80
CA ASP B 346 3.07 -21.34 36.69
C ASP B 346 4.07 -22.47 36.97
N GLY B 347 4.56 -22.56 38.21
CA GLY B 347 5.59 -23.52 38.58
C GLY B 347 5.12 -24.96 38.66
N VAL B 348 3.97 -25.16 39.28
CA VAL B 348 3.35 -26.48 39.43
C VAL B 348 1.85 -26.33 39.13
N PRO B 349 1.13 -27.41 38.73
CA PRO B 349 -0.32 -27.25 38.55
C PRO B 349 -0.94 -26.79 39.88
N MET B 350 -1.95 -25.91 39.82
CA MET B 350 -2.60 -25.41 41.04
C MET B 350 -4.13 -25.45 40.95
N VAL B 351 -4.81 -25.47 42.13
CA VAL B 351 -6.28 -25.48 42.28
C VAL B 351 -6.73 -24.65 43.50
N GLU B 352 -8.03 -24.35 43.59
CA GLU B 352 -8.66 -23.60 44.69
C GLU B 352 -9.46 -24.57 45.59
N MET B 353 -9.33 -24.44 46.93
CA MET B 353 -10.06 -25.25 47.93
C MET B 353 -10.19 -24.54 49.28
N GLU B 354 -11.38 -24.67 49.93
CA GLU B 354 -11.68 -24.06 51.23
C GLU B 354 -11.01 -24.82 52.38
N LYS B 355 -10.51 -24.09 53.41
CA LYS B 355 -9.87 -24.66 54.60
C LYS B 355 -10.83 -25.63 55.35
N GLY B 356 -10.26 -26.70 55.89
CA GLY B 356 -10.98 -27.75 56.60
C GLY B 356 -11.15 -29.00 55.78
N ALA B 357 -10.59 -29.00 54.54
CA ALA B 357 -10.67 -30.15 53.65
C ALA B 357 -9.80 -31.30 54.15
N ASP B 358 -10.31 -32.54 54.00
CA ASP B 358 -9.60 -33.78 54.33
C ASP B 358 -8.59 -33.99 53.20
N LEU B 359 -7.50 -34.74 53.47
CA LEU B 359 -6.45 -35.03 52.48
C LEU B 359 -7.04 -35.75 51.26
N MET B 360 -8.12 -36.54 51.48
CA MET B 360 -8.87 -37.32 50.48
C MET B 360 -9.48 -36.45 49.37
N GLN B 361 -10.21 -35.38 49.74
CA GLN B 361 -10.90 -34.47 48.82
C GLN B 361 -9.97 -33.50 48.09
N ALA B 362 -8.79 -33.21 48.67
CA ALA B 362 -7.80 -32.32 48.06
C ALA B 362 -7.27 -32.96 46.78
N LEU B 363 -7.06 -34.29 46.82
CA LEU B 363 -6.55 -35.10 45.73
C LEU B 363 -7.51 -35.27 44.53
N VAL B 364 -8.83 -35.11 44.73
CA VAL B 364 -9.84 -35.32 43.69
C VAL B 364 -9.92 -34.14 42.69
N ASP B 365 -10.18 -32.89 43.15
CA ASP B 365 -10.33 -31.70 42.31
C ASP B 365 -9.02 -31.23 41.67
N SER B 366 -7.88 -31.61 42.29
CA SER B 366 -6.55 -31.30 41.79
C SER B 366 -6.22 -32.16 40.57
N GLU B 367 -7.07 -33.18 40.29
CA GLU B 367 -6.96 -34.17 39.21
C GLU B 367 -5.80 -35.16 39.48
N LEU B 368 -5.30 -35.19 40.74
CA LEU B 368 -4.24 -36.10 41.19
C LEU B 368 -4.83 -37.49 41.43
N GLN B 369 -6.16 -37.57 41.61
CA GLN B 369 -6.92 -38.80 41.84
C GLN B 369 -8.24 -38.77 41.05
N PRO B 370 -8.71 -39.95 40.53
CA PRO B 370 -9.99 -39.94 39.80
C PRO B 370 -11.23 -39.82 40.69
N SER B 371 -11.20 -40.43 41.90
CA SER B 371 -12.32 -40.49 42.86
C SER B 371 -11.85 -40.52 44.32
N ARG B 372 -12.80 -40.40 45.28
CA ARG B 372 -12.53 -40.42 46.72
C ARG B 372 -12.16 -41.80 47.24
N GLY B 373 -12.69 -42.85 46.60
CA GLY B 373 -12.41 -44.24 46.93
C GLY B 373 -10.97 -44.62 46.66
N GLN B 374 -10.42 -44.09 45.54
CA GLN B 374 -9.02 -44.30 45.13
C GLN B 374 -8.08 -43.57 46.07
N ALA B 375 -8.46 -42.34 46.50
CA ALA B 375 -7.69 -41.49 47.41
C ALA B 375 -7.35 -42.20 48.72
N ARG B 376 -8.30 -42.98 49.30
CA ARG B 376 -8.14 -43.72 50.55
C ARG B 376 -6.96 -44.69 50.51
N LYS B 377 -6.92 -45.58 49.48
CA LYS B 377 -5.86 -46.57 49.27
C LYS B 377 -4.51 -45.93 49.01
N THR B 378 -4.49 -44.82 48.26
CA THR B 378 -3.26 -44.10 47.92
C THR B 378 -2.61 -43.47 49.19
N ILE B 379 -3.43 -43.05 50.17
CA ILE B 379 -2.92 -42.49 51.43
C ILE B 379 -2.39 -43.63 52.34
N ALA B 380 -3.09 -44.78 52.36
CA ALA B 380 -2.73 -45.97 53.14
C ALA B 380 -1.41 -46.59 52.66
N SER B 381 -1.09 -46.42 51.35
CA SER B 381 0.12 -46.91 50.72
C SER B 381 1.31 -45.98 50.95
N ASN B 382 1.11 -44.92 51.78
CA ASN B 382 2.09 -43.90 52.14
C ASN B 382 2.73 -43.28 50.86
N ALA B 383 1.85 -42.87 49.93
CA ALA B 383 2.23 -42.29 48.63
C ALA B 383 1.97 -40.78 48.54
N ILE B 384 1.27 -40.20 49.54
CA ILE B 384 0.95 -38.77 49.57
C ILE B 384 1.76 -38.02 50.63
N THR B 385 2.35 -36.89 50.24
CA THR B 385 3.07 -36.00 51.14
C THR B 385 2.33 -34.67 51.20
N ILE B 386 2.38 -34.03 52.36
CA ILE B 386 1.84 -32.69 52.59
C ILE B 386 3.08 -31.90 53.05
N ASN B 387 3.56 -30.98 52.20
CA ASN B 387 4.75 -30.16 52.45
C ASN B 387 6.02 -31.03 52.68
N GLY B 388 6.13 -32.12 51.93
CA GLY B 388 7.26 -33.04 51.97
C GLY B 388 7.29 -34.05 53.09
N GLU B 389 6.36 -33.97 54.05
CA GLU B 389 6.30 -34.92 55.18
C GLU B 389 5.32 -36.03 54.85
N LYS B 390 5.84 -37.29 54.85
CA LYS B 390 5.05 -38.50 54.56
C LYS B 390 3.88 -38.62 55.55
N GLN B 391 2.68 -38.76 55.00
CA GLN B 391 1.47 -38.91 55.81
C GLN B 391 0.74 -40.19 55.38
N SER B 392 0.74 -41.22 56.26
CA SER B 392 0.17 -42.53 55.95
C SER B 392 -1.29 -42.74 56.41
N ASP B 393 -1.80 -41.91 57.34
CA ASP B 393 -3.18 -42.04 57.86
C ASP B 393 -4.27 -41.62 56.82
N PRO B 394 -5.08 -42.56 56.29
CA PRO B 394 -6.13 -42.17 55.32
C PRO B 394 -7.07 -41.09 55.86
N GLU B 395 -7.48 -41.24 57.11
CA GLU B 395 -8.37 -40.38 57.87
C GLU B 395 -7.67 -39.09 58.35
N TYR B 396 -6.48 -38.75 57.81
CA TYR B 396 -5.78 -37.52 58.22
C TYR B 396 -6.37 -36.20 57.68
N PHE B 397 -6.48 -35.21 58.58
CA PHE B 397 -6.87 -33.83 58.27
C PHE B 397 -5.62 -32.95 58.48
N PHE B 398 -5.42 -31.94 57.63
CA PHE B 398 -4.27 -31.04 57.74
C PHE B 398 -4.30 -30.19 59.02
N LYS B 399 -3.13 -30.04 59.67
CA LYS B 399 -3.01 -29.24 60.90
C LYS B 399 -2.96 -27.75 60.51
N GLU B 400 -3.15 -26.84 61.48
CA GLU B 400 -3.16 -25.40 61.22
C GLU B 400 -1.80 -24.85 60.79
N GLU B 401 -0.70 -25.52 61.18
CA GLU B 401 0.68 -25.15 60.84
C GLU B 401 1.04 -25.58 59.42
N GLU B 402 0.29 -26.53 58.86
CA GLU B 402 0.49 -27.09 57.52
C GLU B 402 0.07 -26.13 56.38
N ARG B 403 -0.83 -25.17 56.67
CA ARG B 403 -1.29 -24.18 55.70
C ARG B 403 -0.35 -22.94 55.78
N LEU B 404 0.71 -22.98 54.96
CA LEU B 404 1.76 -21.96 54.93
C LEU B 404 1.26 -20.60 54.40
N PHE B 405 1.46 -19.54 55.22
CA PHE B 405 1.00 -18.15 54.99
C PHE B 405 -0.53 -18.06 54.88
N GLY B 406 -1.21 -19.01 55.56
CA GLY B 406 -2.67 -19.18 55.60
C GLY B 406 -3.34 -19.19 54.24
N ARG B 407 -2.62 -19.72 53.19
CA ARG B 407 -3.09 -19.72 51.81
C ARG B 407 -2.50 -20.82 50.94
N PHE B 408 -1.46 -21.54 51.40
CA PHE B 408 -0.79 -22.55 50.56
C PHE B 408 -0.42 -23.85 51.25
N THR B 409 -0.59 -24.97 50.51
CA THR B 409 -0.21 -26.32 50.91
C THR B 409 0.14 -27.06 49.64
N LEU B 410 1.28 -27.73 49.65
CA LEU B 410 1.73 -28.44 48.46
C LEU B 410 1.45 -29.92 48.55
N LEU B 411 0.57 -30.38 47.65
CA LEU B 411 0.23 -31.80 47.55
C LEU B 411 1.17 -32.47 46.54
N ARG B 412 1.63 -33.69 46.88
CA ARG B 412 2.47 -34.49 45.99
C ARG B 412 2.05 -35.95 46.06
N ARG B 413 1.80 -36.54 44.88
CA ARG B 413 1.42 -37.95 44.74
C ARG B 413 2.63 -38.61 44.09
N GLY B 414 3.26 -39.52 44.80
CA GLY B 414 4.49 -40.15 44.33
C GLY B 414 5.66 -39.19 44.41
N LYS B 415 6.68 -39.44 43.59
CA LYS B 415 7.91 -38.65 43.55
C LYS B 415 7.82 -37.30 42.83
N LYS B 416 7.03 -37.19 41.75
CA LYS B 416 7.03 -35.98 40.93
C LYS B 416 5.67 -35.32 40.59
N ASN B 417 4.52 -35.91 40.98
CA ASN B 417 3.22 -35.33 40.64
C ASN B 417 2.75 -34.34 41.70
N TYR B 418 2.80 -33.04 41.37
CA TYR B 418 2.45 -31.95 42.29
C TYR B 418 1.18 -31.22 41.96
N CYS B 419 0.60 -30.59 43.00
CA CYS B 419 -0.48 -29.65 42.90
C CYS B 419 -0.45 -28.73 44.10
N LEU B 420 -0.33 -27.45 43.84
CA LEU B 420 -0.34 -26.49 44.93
C LEU B 420 -1.79 -26.14 45.20
N ILE B 421 -2.19 -26.19 46.46
CA ILE B 421 -3.55 -25.80 46.78
C ILE B 421 -3.55 -24.36 47.29
N CYS B 422 -4.25 -23.47 46.56
CA CYS B 422 -4.40 -22.06 46.92
C CYS B 422 -5.69 -21.94 47.77
N TRP B 423 -5.53 -22.03 49.11
CA TRP B 423 -6.60 -22.00 50.12
C TRP B 423 -7.39 -20.69 50.22
N LYS B 424 -8.60 -20.79 50.85
CA LYS B 424 -9.53 -19.70 51.15
C LYS B 424 -10.60 -20.10 52.17
N YSC C . -9.43 7.25 -11.86
CA YSC C . -10.21 8.17 -12.70
CB YSC C . -10.38 9.56 -12.01
CG YSC C . -11.00 9.51 -10.64
CD2 YSC C . -12.29 9.04 -10.46
CE2 YSC C . -12.89 9.03 -9.20
CZ YSC C . -12.16 9.47 -8.10
OH YSC C . -12.75 9.43 -6.86
CE1 YSC C . -10.87 9.94 -8.27
CD1 YSC C . -10.30 9.96 -9.53
C YSC C . -9.30 8.50 -13.86
O YSC C . -8.08 8.38 -13.94
NAT YSC C . -9.97 9.08 -14.87
SBI YSC C . -9.44 9.71 -16.23
OAD YSC C . -8.49 8.89 -16.89
OAE YSC C . -9.14 11.06 -15.90
O5' YSC C . -10.78 9.76 -17.10
C5' YSC C . -11.95 10.45 -16.58
C4' YSC C . -13.14 9.62 -16.98
O4' YSC C . -13.20 9.50 -18.42
C1' YSC C . -13.33 8.13 -18.76
C2' YSC C . -12.68 7.36 -17.62
O2' YSC C . -13.20 6.04 -17.52
C3' YSC C . -13.13 8.18 -16.42
O3' YSC C . -14.43 7.79 -16.03
N1 YSC C . -12.63 7.90 -20.05
C6 YSC C . -11.31 8.26 -20.22
C5 YSC C . -10.65 7.98 -21.36
C4 YSC C . -11.37 7.31 -22.39
N4 YSC C . -10.79 7.06 -23.56
N3 YSC C . -12.66 6.95 -22.23
C2 YSC C . -13.33 7.25 -21.08
O2 YSC C . -14.53 7.04 -20.94
C1 EDO D . -29.88 15.67 -3.71
O1 EDO D . -29.00 15.35 -2.63
C2 EDO D . -30.24 17.17 -3.66
O2 EDO D . -31.31 17.45 -4.54
C1 EDO E . -20.32 24.83 -22.51
O1 EDO E . -19.21 23.98 -22.75
C2 EDO E . -21.61 24.26 -23.13
O2 EDO E . -21.70 22.88 -22.82
C1 EDO F . -3.17 35.61 -58.07
O1 EDO F . -1.79 35.95 -57.89
C2 EDO F . -3.80 36.35 -59.29
O2 EDO F . -3.70 37.76 -59.14
CL CL G . 7.10 39.22 -52.93
N YSC H . 9.21 -6.37 12.02
CA YSC H . 9.97 -6.59 13.25
CB YSC H . 10.14 -5.30 14.11
CG YSC H . 10.77 -4.12 13.41
CD2 YSC H . 12.06 -4.21 12.89
CE2 YSC H . 12.66 -3.11 12.30
CZ YSC H . 11.96 -1.91 12.18
OH YSC H . 12.53 -0.87 11.53
CE1 YSC H . 10.66 -1.82 12.69
CD1 YSC H . 10.08 -2.92 13.31
C YSC H . 9.09 -7.46 14.10
O YSC H . 7.87 -7.63 14.01
NAT YSC H . 9.77 -8.03 15.12
SBI YSC H . 9.19 -8.91 16.31
OAD YSC H . 8.94 -7.95 17.34
OAE YSC H . 8.19 -9.84 15.93
O5' YSC H . 10.48 -9.74 16.71
C5' YSC H . 11.67 -8.97 17.12
C4' YSC H . 12.86 -9.75 16.61
O4' YSC H . 12.84 -11.07 17.18
C1' YSC H . 13.01 -12.03 16.14
C2' YSC H . 12.45 -11.36 14.88
O2' YSC H . 13.04 -11.89 13.70
C3' YSC H . 12.91 -9.92 15.09
O3' YSC H . 14.22 -9.72 14.58
N1 YSC H . 12.27 -13.27 16.52
C6 YSC H . 10.94 -13.22 16.88
C5 YSC H . 10.27 -14.32 17.25
C4 YSC H . 10.97 -15.57 17.24
N4 YSC H . 10.39 -16.68 17.68
N3 YSC H . 12.26 -15.63 16.87
C2 YSC H . 12.95 -14.51 16.52
O2 YSC H . 14.16 -14.52 16.28
#